data_8GK9
# 
_entry.id   8GK9 
# 
_audit_conform.dict_name       mmcif_pdbx.dic 
_audit_conform.dict_version    5.396 
_audit_conform.dict_location   http://mmcif.pdb.org/dictionaries/ascii/mmcif_pdbx.dic 
# 
loop_
_database_2.database_id 
_database_2.database_code 
_database_2.pdbx_database_accession 
_database_2.pdbx_DOI 
PDB   8GK9         pdb_00008gk9 10.2210/pdb8gk9/pdb 
WWPDB D_1000273066 ?            ?                   
# 
loop_
_pdbx_audit_revision_history.ordinal 
_pdbx_audit_revision_history.data_content_type 
_pdbx_audit_revision_history.major_revision 
_pdbx_audit_revision_history.minor_revision 
_pdbx_audit_revision_history.revision_date 
1 'Structure model' 1 0 2023-11-15 
2 'Structure model' 2 0 2024-09-25 
# 
_pdbx_audit_revision_details.ordinal             1 
_pdbx_audit_revision_details.revision_ordinal    1 
_pdbx_audit_revision_details.data_content_type   'Structure model' 
_pdbx_audit_revision_details.provider            repository 
_pdbx_audit_revision_details.type                'Initial release' 
_pdbx_audit_revision_details.description         ? 
_pdbx_audit_revision_details.details             ? 
# 
loop_
_pdbx_audit_revision_group.ordinal 
_pdbx_audit_revision_group.revision_ordinal 
_pdbx_audit_revision_group.data_content_type 
_pdbx_audit_revision_group.group 
1 2 'Structure model' Advisory               
2 2 'Structure model' 'Atomic model'         
3 2 'Structure model' 'Data collection'      
4 2 'Structure model' 'Database references'  
5 2 'Structure model' 'Derived calculations' 
6 2 'Structure model' 'Polymer sequence'     
7 2 'Structure model' 'Source and taxonomy'  
8 2 'Structure model' 'Structure summary'    
# 
loop_
_pdbx_audit_revision_category.ordinal 
_pdbx_audit_revision_category.revision_ordinal 
_pdbx_audit_revision_category.data_content_type 
_pdbx_audit_revision_category.category 
1  2 'Structure model' atom_site                   
2  2 'Structure model' atom_site_anisotrop         
3  2 'Structure model' entity                      
4  2 'Structure model' entity_poly                 
5  2 'Structure model' entity_poly_seq             
6  2 'Structure model' pdbx_entity_nonpoly         
7  2 'Structure model' pdbx_entity_src_syn         
8  2 'Structure model' pdbx_nonpoly_scheme         
9  2 'Structure model' pdbx_poly_seq_scheme        
10 2 'Structure model' pdbx_struct_assembly_gen    
11 2 'Structure model' pdbx_validate_close_contact 
12 2 'Structure model' struct_asym                 
13 2 'Structure model' struct_conf                 
14 2 'Structure model' struct_conn                 
15 2 'Structure model' struct_ref                  
16 2 'Structure model' struct_ref_seq              
# 
loop_
_pdbx_audit_revision_item.ordinal 
_pdbx_audit_revision_item.revision_ordinal 
_pdbx_audit_revision_item.data_content_type 
_pdbx_audit_revision_item.item 
1  2 'Structure model' '_atom_site.B_iso_or_equiv'                 
2  2 'Structure model' '_atom_site.Cartn_x'                        
3  2 'Structure model' '_atom_site.Cartn_y'                        
4  2 'Structure model' '_atom_site.Cartn_z'                        
5  2 'Structure model' '_atom_site.auth_asym_id'                   
6  2 'Structure model' '_atom_site.auth_atom_id'                   
7  2 'Structure model' '_atom_site.auth_comp_id'                   
8  2 'Structure model' '_atom_site.auth_seq_id'                    
9  2 'Structure model' '_atom_site.group_PDB'                      
10 2 'Structure model' '_atom_site.label_alt_id'                   
11 2 'Structure model' '_atom_site.label_asym_id'                  
12 2 'Structure model' '_atom_site.label_atom_id'                  
13 2 'Structure model' '_atom_site.label_comp_id'                  
14 2 'Structure model' '_atom_site.label_entity_id'                
15 2 'Structure model' '_atom_site.label_seq_id'                   
16 2 'Structure model' '_atom_site.occupancy'                      
17 2 'Structure model' '_atom_site.type_symbol'                    
18 2 'Structure model' '_atom_site_anisotrop.U[1][1]'              
19 2 'Structure model' '_atom_site_anisotrop.U[1][2]'              
20 2 'Structure model' '_atom_site_anisotrop.U[1][3]'              
21 2 'Structure model' '_atom_site_anisotrop.U[2][2]'              
22 2 'Structure model' '_atom_site_anisotrop.U[2][3]'              
23 2 'Structure model' '_atom_site_anisotrop.U[3][3]'              
24 2 'Structure model' '_atom_site_anisotrop.id'                   
25 2 'Structure model' '_atom_site_anisotrop.pdbx_auth_asym_id'    
26 2 'Structure model' '_atom_site_anisotrop.pdbx_auth_atom_id'    
27 2 'Structure model' '_atom_site_anisotrop.pdbx_auth_comp_id'    
28 2 'Structure model' '_atom_site_anisotrop.pdbx_auth_seq_id'     
29 2 'Structure model' '_atom_site_anisotrop.pdbx_label_alt_id'    
30 2 'Structure model' '_atom_site_anisotrop.pdbx_label_asym_id'   
31 2 'Structure model' '_atom_site_anisotrop.pdbx_label_atom_id'   
32 2 'Structure model' '_atom_site_anisotrop.pdbx_label_comp_id'   
33 2 'Structure model' '_atom_site_anisotrop.pdbx_label_seq_id'    
34 2 'Structure model' '_atom_site_anisotrop.type_symbol'          
35 2 'Structure model' '_entity_poly.pdbx_seq_one_letter_code'     
36 2 'Structure model' '_entity_poly.pdbx_seq_one_letter_code_can' 
37 2 'Structure model' '_pdbx_entity_src_syn.pdbx_end_seq_num'     
38 2 'Structure model' '_pdbx_struct_assembly_gen.asym_id_list'    
39 2 'Structure model' '_struct_conf.beg_label_seq_id'             
40 2 'Structure model' '_struct_conf.end_label_seq_id'             
41 2 'Structure model' '_struct_conn.pdbx_dist_value'              
42 2 'Structure model' '_struct_conn.pdbx_leaving_atom_flag'       
43 2 'Structure model' '_struct_conn.pdbx_ptnr1_label_alt_id'      
44 2 'Structure model' '_struct_conn.pdbx_ptnr2_label_alt_id'      
45 2 'Structure model' '_struct_conn.ptnr1_auth_comp_id'           
46 2 'Structure model' '_struct_conn.ptnr1_auth_seq_id'            
47 2 'Structure model' '_struct_conn.ptnr1_label_atom_id'          
48 2 'Structure model' '_struct_conn.ptnr1_label_comp_id'          
49 2 'Structure model' '_struct_conn.ptnr1_label_seq_id'           
50 2 'Structure model' '_struct_conn.ptnr2_auth_comp_id'           
51 2 'Structure model' '_struct_conn.ptnr2_auth_seq_id'            
52 2 'Structure model' '_struct_conn.ptnr2_label_asym_id'          
53 2 'Structure model' '_struct_conn.ptnr2_label_atom_id'          
54 2 'Structure model' '_struct_conn.ptnr2_label_comp_id'          
55 2 'Structure model' '_struct_conn.ptnr2_label_seq_id'           
56 2 'Structure model' '_struct_ref.entity_id'                     
57 2 'Structure model' '_struct_ref_seq.seq_align_beg'             
58 2 'Structure model' '_struct_ref_seq.seq_align_end'             
# 
_pdbx_database_status.status_code                     REL 
_pdbx_database_status.status_code_sf                  REL 
_pdbx_database_status.status_code_mr                  ? 
_pdbx_database_status.entry_id                        8GK9 
_pdbx_database_status.recvd_initial_deposition_date   2023-03-17 
_pdbx_database_status.SG_entry                        N 
_pdbx_database_status.deposit_site                    RCSB 
_pdbx_database_status.process_site                    RCSB 
_pdbx_database_status.status_code_cs                  ? 
_pdbx_database_status.status_code_nmr_data            ? 
_pdbx_database_status.methods_development_category    ? 
_pdbx_database_status.pdb_format_compatible           Y 
# 
_pdbx_contact_author.id                 2 
_pdbx_contact_author.email              andyn@uic.edu 
_pdbx_contact_author.name_first         Andy 
_pdbx_contact_author.name_last          Nguyen 
_pdbx_contact_author.name_mi            I 
_pdbx_contact_author.role               'principal investigator/group leader' 
_pdbx_contact_author.identifier_ORCID   0000-0003-4137-6453 
# 
loop_
_audit_author.name 
_audit_author.pdbx_ordinal 
_audit_author.identifier_ORCID 
'Hess, S.S.'   1 0000-0002-2125-7679 
'Nguyen, A.I.' 2 0000-0003-4137-6453 
# 
_citation.abstract                  ? 
_citation.abstract_id_CAS           ? 
_citation.book_id_ISBN              ? 
_citation.book_publisher            ? 
_citation.book_publisher_city       ? 
_citation.book_title                ? 
_citation.coordinate_linkage        ? 
_citation.country                   US 
_citation.database_id_Medline       ? 
_citation.details                   ? 
_citation.id                        primary 
_citation.journal_abbrev            J.Am.Chem.Soc. 
_citation.journal_id_ASTM           JACSAT 
_citation.journal_id_CSD            ? 
_citation.journal_id_ISSN           1520-5126 
_citation.journal_full              ? 
_citation.journal_issue             ? 
_citation.journal_volume            145 
_citation.language                  ? 
_citation.page_first                19588 
_citation.page_last                 19600 
_citation.title                     'Noncovalent Peptide Assembly Enables Crystalline, Permutable, and Reactive Thiol Frameworks.' 
_citation.year                      2023 
_citation.database_id_CSD           ? 
_citation.pdbx_database_id_DOI      10.1021/jacs.3c03645 
_citation.pdbx_database_id_PubMed   37639365 
_citation.pdbx_database_id_patent   ? 
_citation.unpublished_flag          ? 
# 
loop_
_citation_author.citation_id 
_citation_author.name 
_citation_author.ordinal 
_citation_author.identifier_ORCID 
primary 'Hess, S.S.'   1 ?                   
primary 'Coppola, F.'  2 0000-0002-2429-204X 
primary 'Dang, V.T.'   3 ?                   
primary 'Tran, P.N.'   4 ?                   
primary 'Mickel, P.J.' 5 ?                   
primary 'Oktawiec, J.' 6 0000-0002-2895-3327 
primary 'Ren, Z.'      7 0000-0001-7098-3127 
primary 'Kral, P.'     8 0000-0003-2992-9027 
primary 'Nguyen, A.I.' 9 0000-0003-4137-6453 
# 
loop_
_entity.id 
_entity.type 
_entity.src_method 
_entity.pdbx_description 
_entity.formula_weight 
_entity.pdbx_number_of_molecules 
_entity.pdbx_ec 
_entity.pdbx_mutation 
_entity.pdbx_fragment 
_entity.details 
1 polymer     syn 'bipyridyl-conjugated helical peptide' 1392.627 2 ? ? ? ? 
2 non-polymer syn ACETONITRILE                           41.052   2 ? ? ? ? 
3 water       nat water                                  18.015   4 ? ? ? ? 
# 
_entity_poly.entity_id                      1 
_entity_poly.type                           'polypeptide(L)' 
_entity_poly.nstd_linkage                   no 
_entity_poly.nstd_monomer                   yes 
_entity_poly.pdbx_seq_one_letter_code       '(I6W)L(AIB)A(AIB)LCQ(AIB)L(I77)' 
_entity_poly.pdbx_seq_one_letter_code_can   XLAAALCQALX 
_entity_poly.pdbx_strand_id                 A,B 
_entity_poly.pdbx_target_identifier         ? 
# 
loop_
_pdbx_entity_nonpoly.entity_id 
_pdbx_entity_nonpoly.name 
_pdbx_entity_nonpoly.comp_id 
2 ACETONITRILE CCN 
3 water        HOH 
# 
loop_
_entity_poly_seq.entity_id 
_entity_poly_seq.num 
_entity_poly_seq.mon_id 
_entity_poly_seq.hetero 
1 1  I6W n 
1 2  LEU n 
1 3  AIB n 
1 4  ALA n 
1 5  AIB n 
1 6  LEU n 
1 7  CYS n 
1 8  GLN n 
1 9  AIB n 
1 10 LEU n 
1 11 I77 n 
# 
_pdbx_entity_src_syn.entity_id              1 
_pdbx_entity_src_syn.pdbx_src_id            1 
_pdbx_entity_src_syn.pdbx_alt_source_flag   sample 
_pdbx_entity_src_syn.pdbx_beg_seq_num       1 
_pdbx_entity_src_syn.pdbx_end_seq_num       11 
_pdbx_entity_src_syn.organism_scientific    'synthetic construct' 
_pdbx_entity_src_syn.organism_common_name   ? 
_pdbx_entity_src_syn.ncbi_taxonomy_id       32630 
_pdbx_entity_src_syn.details                ? 
# 
loop_
_chem_comp.id 
_chem_comp.type 
_chem_comp.mon_nstd_flag 
_chem_comp.name 
_chem_comp.pdbx_synonyms 
_chem_comp.formula 
_chem_comp.formula_weight 
AIB 'L-peptide linking' n 'ALPHA-AMINOISOBUTYRIC ACID'                            ? 'C4 H9 N O2'    103.120 
ALA 'L-peptide linking' y ALANINE                                                 ? 'C3 H7 N O2'    89.093  
CCN non-polymer         . ACETONITRILE                                            ? 'C2 H3 N'       41.052  
CYS 'L-peptide linking' y CYSTEINE                                                ? 'C3 H7 N O2 S'  121.158 
GLN 'L-peptide linking' y GLUTAMINE                                               ? 'C5 H10 N2 O3'  146.144 
HOH non-polymer         . WATER                                                   ? 'H2 O'          18.015  
I6W non-polymer         . 
;ethyl 5'-formyl[2,2'-bipyridine]-5-carboxylate
;
? 'C14 H12 N2 O3' 256.257 
I77 non-polymer         . "5'-(hydrazinecarbonyl)[2,2'-bipyridine]-5-carboxamide" ? 'C12 H11 N5 O2' 257.248 
LEU 'L-peptide linking' y LEUCINE                                                 ? 'C6 H13 N O2'   131.173 
# 
loop_
_pdbx_poly_seq_scheme.asym_id 
_pdbx_poly_seq_scheme.entity_id 
_pdbx_poly_seq_scheme.seq_id 
_pdbx_poly_seq_scheme.mon_id 
_pdbx_poly_seq_scheme.ndb_seq_num 
_pdbx_poly_seq_scheme.pdb_seq_num 
_pdbx_poly_seq_scheme.auth_seq_num 
_pdbx_poly_seq_scheme.pdb_mon_id 
_pdbx_poly_seq_scheme.auth_mon_id 
_pdbx_poly_seq_scheme.pdb_strand_id 
_pdbx_poly_seq_scheme.pdb_ins_code 
_pdbx_poly_seq_scheme.hetero 
A 1 1  I6W 1  1  1  I6W BPE A . n 
A 1 2  LEU 2  2  2  LEU LEU A . n 
A 1 3  AIB 3  3  3  AIB AIB A . n 
A 1 4  ALA 4  4  4  ALA ALA A . n 
A 1 5  AIB 5  5  5  AIB AIB A . n 
A 1 6  LEU 6  6  6  LEU LEU A . n 
A 1 7  CYS 7  7  7  CYS CYS A . n 
A 1 8  GLN 8  8  8  GLN GLN A . n 
A 1 9  AIB 9  9  9  AIB AIB A . n 
A 1 10 LEU 10 10 10 LEU LEU A . n 
A 1 11 I77 11 11 11 I77 BPH A . n 
B 1 1  I6W 1  1  1  I6W BPE B . n 
B 1 2  LEU 2  2  2  LEU LEU B . n 
B 1 3  AIB 3  3  3  AIB AIB B . n 
B 1 4  ALA 4  4  4  ALA ALA B . n 
B 1 5  AIB 5  5  5  AIB AIB B . n 
B 1 6  LEU 6  6  6  LEU LEU B . n 
B 1 7  CYS 7  7  7  CYS CYS B . n 
B 1 8  GLN 8  8  8  GLN GLN B . n 
B 1 9  AIB 9  9  9  AIB AIB B . n 
B 1 10 LEU 10 10 10 LEU LEU B . n 
B 1 11 I77 11 11 11 I77 BPH B . n 
# 
loop_
_pdbx_nonpoly_scheme.asym_id 
_pdbx_nonpoly_scheme.entity_id 
_pdbx_nonpoly_scheme.mon_id 
_pdbx_nonpoly_scheme.ndb_seq_num 
_pdbx_nonpoly_scheme.pdb_seq_num 
_pdbx_nonpoly_scheme.auth_seq_num 
_pdbx_nonpoly_scheme.pdb_mon_id 
_pdbx_nonpoly_scheme.auth_mon_id 
_pdbx_nonpoly_scheme.pdb_strand_id 
_pdbx_nonpoly_scheme.pdb_ins_code 
C 2 CCN 1 201 5 CCN ACN A . 
D 2 CCN 1 201 6 CCN ACN B . 
E 3 HOH 1 301 4 HOH HOH A . 
E 3 HOH 2 302 3 HOH HOH A . 
F 3 HOH 1 301 2 HOH HOH B . 
F 3 HOH 2 302 1 HOH HOH B . 
# 
loop_
_software.citation_id 
_software.classification 
_software.compiler_name 
_software.compiler_version 
_software.contact_author 
_software.contact_author_email 
_software.date 
_software.description 
_software.dependencies 
_software.hardware 
_software.language 
_software.location 
_software.mods 
_software.name 
_software.os 
_software.os_version 
_software.type 
_software.version 
_software.pdbx_ordinal 
? refinement       ? ? ? ? ? ? ? ? ? ? ? PHENIX ? ? ? 1.19.2_4158 1 
? 'data reduction' ? ? ? ? ? ? ? ? ? ? ? XDS    ? ? ? .           2 
? 'data scaling'   ? ? ? ? ? ? ? ? ? ? ? XDS    ? ? ? .           3 
? phasing          ? ? ? ? ? ? ? ? ? ? ? PHASER ? ? ? .           4 
# 
_cell.angle_alpha                  90.000 
_cell.angle_alpha_esd              ? 
_cell.angle_beta                   96.486 
_cell.angle_beta_esd               ? 
_cell.angle_gamma                  90.000 
_cell.angle_gamma_esd              ? 
_cell.entry_id                     8GK9 
_cell.details                      ? 
_cell.formula_units_Z              ? 
_cell.length_a                     10.184 
_cell.length_a_esd                 ? 
_cell.length_b                     48.866 
_cell.length_b_esd                 ? 
_cell.length_c                     17.411 
_cell.length_c_esd                 ? 
_cell.volume                       8609.150 
_cell.volume_esd                   ? 
_cell.Z_PDB                        4 
_cell.reciprocal_angle_alpha       ? 
_cell.reciprocal_angle_beta        ? 
_cell.reciprocal_angle_gamma       ? 
_cell.reciprocal_angle_alpha_esd   ? 
_cell.reciprocal_angle_beta_esd    ? 
_cell.reciprocal_angle_gamma_esd   ? 
_cell.reciprocal_length_a          ? 
_cell.reciprocal_length_b          ? 
_cell.reciprocal_length_c          ? 
_cell.reciprocal_length_a_esd      ? 
_cell.reciprocal_length_b_esd      ? 
_cell.reciprocal_length_c_esd      ? 
_cell.pdbx_unique_axis             ? 
_cell.pdbx_esd_method              ? 
# 
_symmetry.entry_id                         8GK9 
_symmetry.cell_setting                     ? 
_symmetry.Int_Tables_number                4 
_symmetry.space_group_name_Hall            'P 2yb' 
_symmetry.space_group_name_H-M             'P 1 21 1' 
_symmetry.pdbx_full_space_group_name_H-M   ? 
# 
_exptl.absorpt_coefficient_mu     ? 
_exptl.absorpt_correction_T_max   ? 
_exptl.absorpt_correction_T_min   ? 
_exptl.absorpt_correction_type    ? 
_exptl.absorpt_process_details    ? 
_exptl.entry_id                   8GK9 
_exptl.crystals_number            1 
_exptl.details                    ? 
_exptl.method                     'X-RAY DIFFRACTION' 
_exptl.method_details             ? 
# 
_exptl_crystal.colour                       ? 
_exptl_crystal.density_diffrn               ? 
_exptl_crystal.density_Matthews             2.35 
_exptl_crystal.density_method               ? 
_exptl_crystal.density_percent_sol          47.70 
_exptl_crystal.description                  ? 
_exptl_crystal.F_000                        ? 
_exptl_crystal.id                           1 
_exptl_crystal.preparation                  ? 
_exptl_crystal.size_max                     ? 
_exptl_crystal.size_mid                     ? 
_exptl_crystal.size_min                     ? 
_exptl_crystal.size_rad                     ? 
_exptl_crystal.colour_lustre                ? 
_exptl_crystal.colour_modifier              ? 
_exptl_crystal.colour_primary               ? 
_exptl_crystal.density_meas                 ? 
_exptl_crystal.density_meas_esd             ? 
_exptl_crystal.density_meas_gt              ? 
_exptl_crystal.density_meas_lt              ? 
_exptl_crystal.density_meas_temp            ? 
_exptl_crystal.density_meas_temp_esd        ? 
_exptl_crystal.density_meas_temp_gt         ? 
_exptl_crystal.density_meas_temp_lt         ? 
_exptl_crystal.pdbx_crystal_image_url       ? 
_exptl_crystal.pdbx_crystal_image_format    ? 
_exptl_crystal.pdbx_mosaicity               ? 
_exptl_crystal.pdbx_mosaicity_esd           ? 
_exptl_crystal.pdbx_mosaic_method           ? 
_exptl_crystal.pdbx_mosaic_block_size       ? 
_exptl_crystal.pdbx_mosaic_block_size_esd   ? 
# 
_exptl_crystal_grow.apparatus       ? 
_exptl_crystal_grow.atmosphere      ? 
_exptl_crystal_grow.crystal_id      1 
_exptl_crystal_grow.details         ? 
_exptl_crystal_grow.method          'SLOW COOLING' 
_exptl_crystal_grow.method_ref      ? 
_exptl_crystal_grow.pH              ? 
_exptl_crystal_grow.pressure        ? 
_exptl_crystal_grow.pressure_esd    ? 
_exptl_crystal_grow.seeding         ? 
_exptl_crystal_grow.seeding_ref     ? 
_exptl_crystal_grow.temp_details    ? 
_exptl_crystal_grow.temp_esd        ? 
_exptl_crystal_grow.time            ? 
_exptl_crystal_grow.pdbx_details    Water/Methanol 
_exptl_crystal_grow.pdbx_pH_range   ? 
_exptl_crystal_grow.temp            298 
# 
_diffrn.ambient_environment              ? 
_diffrn.ambient_temp                     100 
_diffrn.ambient_temp_details             ? 
_diffrn.ambient_temp_esd                 ? 
_diffrn.crystal_id                       1 
_diffrn.crystal_support                  ? 
_diffrn.crystal_treatment                ? 
_diffrn.details                          ? 
_diffrn.id                               1 
_diffrn.ambient_pressure                 ? 
_diffrn.ambient_pressure_esd             ? 
_diffrn.ambient_pressure_gt              ? 
_diffrn.ambient_pressure_lt              ? 
_diffrn.ambient_temp_gt                  ? 
_diffrn.ambient_temp_lt                  ? 
_diffrn.pdbx_serial_crystal_experiment   N 
# 
_diffrn_detector.details                      ? 
_diffrn_detector.detector                     PIXEL 
_diffrn_detector.diffrn_id                    1 
_diffrn_detector.type                         'DECTRIS EIGER X 9M' 
_diffrn_detector.area_resol_mean              ? 
_diffrn_detector.dtime                        ? 
_diffrn_detector.pdbx_frames_total            ? 
_diffrn_detector.pdbx_collection_time_total   ? 
_diffrn_detector.pdbx_collection_date         2021-10-29 
_diffrn_detector.pdbx_frequency               ? 
_diffrn_detector.id                           ? 
_diffrn_detector.number_of_axes               ? 
# 
_diffrn_radiation.collimation                      ? 
_diffrn_radiation.diffrn_id                        1 
_diffrn_radiation.filter_edge                      ? 
_diffrn_radiation.inhomogeneity                    ? 
_diffrn_radiation.monochromator                    ? 
_diffrn_radiation.polarisn_norm                    ? 
_diffrn_radiation.polarisn_ratio                   ? 
_diffrn_radiation.probe                            ? 
_diffrn_radiation.type                             ? 
_diffrn_radiation.xray_symbol                      ? 
_diffrn_radiation.wavelength_id                    1 
_diffrn_radiation.pdbx_monochromatic_or_laue_m_l   M 
_diffrn_radiation.pdbx_wavelength_list             ? 
_diffrn_radiation.pdbx_wavelength                  ? 
_diffrn_radiation.pdbx_diffrn_protocol             'SINGLE WAVELENGTH' 
_diffrn_radiation.pdbx_analyzer                    ? 
_diffrn_radiation.pdbx_scattering_type             x-ray 
# 
_diffrn_radiation_wavelength.id           1 
_diffrn_radiation_wavelength.wavelength   0.688800 
_diffrn_radiation_wavelength.wt           1.0 
# 
_diffrn_source.current                     ? 
_diffrn_source.details                     ? 
_diffrn_source.diffrn_id                   1 
_diffrn_source.power                       ? 
_diffrn_source.size                        ? 
_diffrn_source.source                      SYNCHROTRON 
_diffrn_source.target                      ? 
_diffrn_source.type                        'APS BEAMLINE 21-ID-D' 
_diffrn_source.voltage                     ? 
_diffrn_source.take-off_angle              ? 
_diffrn_source.pdbx_wavelength_list        0.688800 
_diffrn_source.pdbx_wavelength             ? 
_diffrn_source.pdbx_synchrotron_beamline   21-ID-D 
_diffrn_source.pdbx_synchrotron_site       APS 
# 
_reflns.B_iso_Wilson_estimate                          8.62 
_reflns.entry_id                                       8GK9 
_reflns.data_reduction_details                         ? 
_reflns.data_reduction_method                          ? 
_reflns.d_resolution_high                              0.97 
_reflns.d_resolution_low                               16.31 
_reflns.details                                        ? 
_reflns.limit_h_max                                    ? 
_reflns.limit_h_min                                    ? 
_reflns.limit_k_max                                    ? 
_reflns.limit_k_min                                    ? 
_reflns.limit_l_max                                    ? 
_reflns.limit_l_min                                    ? 
_reflns.number_all                                     ? 
_reflns.number_obs                                     9612 
_reflns.observed_criterion                             ? 
_reflns.observed_criterion_F_max                       ? 
_reflns.observed_criterion_F_min                       ? 
_reflns.observed_criterion_I_max                       ? 
_reflns.observed_criterion_I_min                       ? 
_reflns.observed_criterion_sigma_F                     ? 
_reflns.observed_criterion_sigma_I                     ? 
_reflns.percent_possible_obs                           95.69 
_reflns.R_free_details                                 ? 
_reflns.Rmerge_F_all                                   ? 
_reflns.Rmerge_F_obs                                   ? 
_reflns.Friedel_coverage                               ? 
_reflns.number_gt                                      ? 
_reflns.threshold_expression                           ? 
_reflns.pdbx_redundancy                                6.6 
_reflns.pdbx_netI_over_av_sigmaI                       ? 
_reflns.pdbx_netI_over_sigmaI                          20.43 
_reflns.pdbx_res_netI_over_av_sigmaI_2                 ? 
_reflns.pdbx_res_netI_over_sigmaI_2                    ? 
_reflns.pdbx_chi_squared                               ? 
_reflns.pdbx_scaling_rejects                           ? 
_reflns.pdbx_d_res_high_opt                            ? 
_reflns.pdbx_d_res_low_opt                             ? 
_reflns.pdbx_d_res_opt_method                          ? 
_reflns.phase_calculation_details                      ? 
_reflns.pdbx_Rrim_I_all                                ? 
_reflns.pdbx_Rpim_I_all                                ? 
_reflns.pdbx_d_opt                                     ? 
_reflns.pdbx_number_measured_all                       ? 
_reflns.pdbx_diffrn_id                                 1 
_reflns.pdbx_ordinal                                   1 
_reflns.pdbx_CC_half                                   ? 
_reflns.pdbx_CC_star                                   ? 
_reflns.pdbx_R_split                                   ? 
_reflns.pdbx_Rmerge_I_obs                              0.05898 
_reflns.pdbx_Rmerge_I_all                              ? 
_reflns.pdbx_Rsym_value                                ? 
_reflns.pdbx_CC_split_method                           ? 
_reflns.pdbx_aniso_diffraction_limit_axis_1_ortho[1]   ? 
_reflns.pdbx_aniso_diffraction_limit_axis_1_ortho[2]   ? 
_reflns.pdbx_aniso_diffraction_limit_axis_1_ortho[3]   ? 
_reflns.pdbx_aniso_diffraction_limit_axis_2_ortho[1]   ? 
_reflns.pdbx_aniso_diffraction_limit_axis_2_ortho[2]   ? 
_reflns.pdbx_aniso_diffraction_limit_axis_2_ortho[3]   ? 
_reflns.pdbx_aniso_diffraction_limit_axis_3_ortho[1]   ? 
_reflns.pdbx_aniso_diffraction_limit_axis_3_ortho[2]   ? 
_reflns.pdbx_aniso_diffraction_limit_axis_3_ortho[3]   ? 
_reflns.pdbx_aniso_diffraction_limit_1                 ? 
_reflns.pdbx_aniso_diffraction_limit_2                 ? 
_reflns.pdbx_aniso_diffraction_limit_3                 ? 
_reflns.pdbx_aniso_B_tensor_eigenvector_1_ortho[1]     ? 
_reflns.pdbx_aniso_B_tensor_eigenvector_1_ortho[2]     ? 
_reflns.pdbx_aniso_B_tensor_eigenvector_1_ortho[3]     ? 
_reflns.pdbx_aniso_B_tensor_eigenvector_2_ortho[1]     ? 
_reflns.pdbx_aniso_B_tensor_eigenvector_2_ortho[2]     ? 
_reflns.pdbx_aniso_B_tensor_eigenvector_2_ortho[3]     ? 
_reflns.pdbx_aniso_B_tensor_eigenvector_3_ortho[1]     ? 
_reflns.pdbx_aniso_B_tensor_eigenvector_3_ortho[2]     ? 
_reflns.pdbx_aniso_B_tensor_eigenvector_3_ortho[3]     ? 
_reflns.pdbx_aniso_B_tensor_eigenvalue_1               ? 
_reflns.pdbx_aniso_B_tensor_eigenvalue_2               ? 
_reflns.pdbx_aniso_B_tensor_eigenvalue_3               ? 
_reflns.pdbx_orthogonalization_convention              ? 
_reflns.pdbx_percent_possible_ellipsoidal              ? 
_reflns.pdbx_percent_possible_spherical                ? 
_reflns.pdbx_percent_possible_ellipsoidal_anomalous    ? 
_reflns.pdbx_percent_possible_spherical_anomalous      ? 
_reflns.pdbx_redundancy_anomalous                      ? 
_reflns.pdbx_CC_half_anomalous                         ? 
_reflns.pdbx_absDiff_over_sigma_anomalous              ? 
_reflns.pdbx_percent_possible_anomalous                ? 
_reflns.pdbx_observed_signal_threshold                 ? 
_reflns.pdbx_signal_type                               ? 
_reflns.pdbx_signal_details                            ? 
_reflns.pdbx_signal_software_id                        ? 
# 
_reflns_shell.d_res_high                                    0.97 
_reflns_shell.d_res_low                                     1.005 
_reflns_shell.meanI_over_sigI_all                           ? 
_reflns_shell.meanI_over_sigI_obs                           ? 
_reflns_shell.number_measured_all                           ? 
_reflns_shell.number_measured_obs                           ? 
_reflns_shell.number_possible                               ? 
_reflns_shell.number_unique_all                             ? 
_reflns_shell.number_unique_obs                             750 
_reflns_shell.percent_possible_obs                          ? 
_reflns_shell.Rmerge_F_all                                  ? 
_reflns_shell.Rmerge_F_obs                                  ? 
_reflns_shell.meanI_over_sigI_gt                            ? 
_reflns_shell.meanI_over_uI_all                             ? 
_reflns_shell.meanI_over_uI_gt                              ? 
_reflns_shell.number_measured_gt                            ? 
_reflns_shell.number_unique_gt                              ? 
_reflns_shell.percent_possible_gt                           ? 
_reflns_shell.Rmerge_F_gt                                   ? 
_reflns_shell.Rmerge_I_gt                                   ? 
_reflns_shell.pdbx_redundancy                               ? 
_reflns_shell.pdbx_chi_squared                              ? 
_reflns_shell.pdbx_netI_over_sigmaI_all                     ? 
_reflns_shell.pdbx_netI_over_sigmaI_obs                     ? 
_reflns_shell.pdbx_Rrim_I_all                               ? 
_reflns_shell.pdbx_Rpim_I_all                               ? 
_reflns_shell.pdbx_rejects                                  ? 
_reflns_shell.pdbx_ordinal                                  1 
_reflns_shell.pdbx_diffrn_id                                1 
_reflns_shell.pdbx_CC_half                                  ? 
_reflns_shell.pdbx_CC_star                                  ? 
_reflns_shell.pdbx_R_split                                  ? 
_reflns_shell.percent_possible_all                          ? 
_reflns_shell.Rmerge_I_all                                  ? 
_reflns_shell.Rmerge_I_obs                                  0.1648 
_reflns_shell.pdbx_Rsym_value                               ? 
_reflns_shell.pdbx_percent_possible_ellipsoidal             ? 
_reflns_shell.pdbx_percent_possible_spherical               ? 
_reflns_shell.pdbx_percent_possible_ellipsoidal_anomalous   ? 
_reflns_shell.pdbx_percent_possible_spherical_anomalous     ? 
_reflns_shell.pdbx_redundancy_anomalous                     ? 
_reflns_shell.pdbx_CC_half_anomalous                        ? 
_reflns_shell.pdbx_absDiff_over_sigma_anomalous             ? 
_reflns_shell.pdbx_percent_possible_anomalous               ? 
# 
_refine.aniso_B[1][1]                            ? 
_refine.aniso_B[1][2]                            ? 
_refine.aniso_B[1][3]                            ? 
_refine.aniso_B[2][2]                            ? 
_refine.aniso_B[2][3]                            ? 
_refine.aniso_B[3][3]                            ? 
_refine.B_iso_max                                ? 
_refine.B_iso_mean                               12.33 
_refine.B_iso_min                                ? 
_refine.correlation_coeff_Fo_to_Fc               ? 
_refine.correlation_coeff_Fo_to_Fc_free          ? 
_refine.details                                  ? 
_refine.diff_density_max                         ? 
_refine.diff_density_max_esd                     ? 
_refine.diff_density_min                         ? 
_refine.diff_density_min_esd                     ? 
_refine.diff_density_rms                         ? 
_refine.diff_density_rms_esd                     ? 
_refine.entry_id                                 8GK9 
_refine.pdbx_refine_id                           'X-RAY DIFFRACTION' 
_refine.ls_abs_structure_details                 ? 
_refine.ls_abs_structure_Flack                   ? 
_refine.ls_abs_structure_Flack_esd               ? 
_refine.ls_abs_structure_Rogers                  ? 
_refine.ls_abs_structure_Rogers_esd              ? 
_refine.ls_d_res_high                            0.97 
_refine.ls_d_res_low                             16.31 
_refine.ls_extinction_coef                       ? 
_refine.ls_extinction_coef_esd                   ? 
_refine.ls_extinction_expression                 ? 
_refine.ls_extinction_method                     ? 
_refine.ls_goodness_of_fit_all                   ? 
_refine.ls_goodness_of_fit_all_esd               ? 
_refine.ls_goodness_of_fit_obs                   ? 
_refine.ls_goodness_of_fit_obs_esd               ? 
_refine.ls_hydrogen_treatment                    ? 
_refine.ls_matrix_type                           ? 
_refine.ls_number_constraints                    ? 
_refine.ls_number_parameters                     ? 
_refine.ls_number_reflns_all                     ? 
_refine.ls_number_reflns_obs                     9594 
_refine.ls_number_reflns_R_free                  960 
_refine.ls_number_reflns_R_work                  8634 
_refine.ls_number_restraints                     ? 
_refine.ls_percent_reflns_obs                    95.71 
_refine.ls_percent_reflns_R_free                 10.01 
_refine.ls_R_factor_all                          ? 
_refine.ls_R_factor_obs                          0.1374 
_refine.ls_R_factor_R_free                       0.1586 
_refine.ls_R_factor_R_free_error                 ? 
_refine.ls_R_factor_R_free_error_details         ? 
_refine.ls_R_factor_R_work                       0.1351 
_refine.ls_R_Fsqd_factor_obs                     ? 
_refine.ls_R_I_factor_obs                        ? 
_refine.ls_redundancy_reflns_all                 ? 
_refine.ls_redundancy_reflns_obs                 ? 
_refine.ls_restrained_S_all                      ? 
_refine.ls_restrained_S_obs                      ? 
_refine.ls_shift_over_esd_max                    ? 
_refine.ls_shift_over_esd_mean                   ? 
_refine.ls_structure_factor_coef                 ? 
_refine.ls_weighting_details                     ? 
_refine.ls_weighting_scheme                      ? 
_refine.ls_wR_factor_all                         ? 
_refine.ls_wR_factor_obs                         ? 
_refine.ls_wR_factor_R_free                      ? 
_refine.ls_wR_factor_R_work                      ? 
_refine.occupancy_max                            ? 
_refine.occupancy_min                            ? 
_refine.solvent_model_details                    'FLAT BULK SOLVENT MODEL' 
_refine.solvent_model_param_bsol                 ? 
_refine.solvent_model_param_ksol                 ? 
_refine.pdbx_R_complete                          ? 
_refine.ls_R_factor_gt                           ? 
_refine.ls_goodness_of_fit_gt                    ? 
_refine.ls_goodness_of_fit_ref                   ? 
_refine.ls_shift_over_su_max                     ? 
_refine.ls_shift_over_su_max_lt                  ? 
_refine.ls_shift_over_su_mean                    ? 
_refine.ls_shift_over_su_mean_lt                 ? 
_refine.pdbx_ls_sigma_I                          ? 
_refine.pdbx_ls_sigma_F                          1.52 
_refine.pdbx_ls_sigma_Fsqd                       ? 
_refine.pdbx_data_cutoff_high_absF               ? 
_refine.pdbx_data_cutoff_high_rms_absF           ? 
_refine.pdbx_data_cutoff_low_absF                ? 
_refine.pdbx_isotropic_thermal_model             ? 
_refine.pdbx_ls_cross_valid_method               'FREE R-VALUE' 
_refine.pdbx_method_to_determine_struct          'MOLECULAR REPLACEMENT' 
_refine.pdbx_starting_model                      ? 
_refine.pdbx_stereochemistry_target_values       'GeoStd + Monomer Library + CDL v1.2' 
_refine.pdbx_R_Free_selection_details            ? 
_refine.pdbx_stereochem_target_val_spec_case     ? 
_refine.pdbx_overall_ESU_R                       ? 
_refine.pdbx_overall_ESU_R_Free                  ? 
_refine.pdbx_solvent_vdw_probe_radii             1.1100 
_refine.pdbx_solvent_ion_probe_radii             ? 
_refine.pdbx_solvent_shrinkage_radii             0.9000 
_refine.pdbx_real_space_R                        ? 
_refine.pdbx_density_correlation                 ? 
_refine.pdbx_pd_number_of_powder_patterns        ? 
_refine.pdbx_pd_number_of_points                 ? 
_refine.pdbx_pd_meas_number_of_points            ? 
_refine.pdbx_pd_proc_ls_prof_R_factor            ? 
_refine.pdbx_pd_proc_ls_prof_wR_factor           ? 
_refine.pdbx_pd_Marquardt_correlation_coeff      ? 
_refine.pdbx_pd_Fsqrd_R_factor                   ? 
_refine.pdbx_pd_ls_matrix_band_width             ? 
_refine.pdbx_overall_phase_error                 18.9782 
_refine.pdbx_overall_SU_R_free_Cruickshank_DPI   ? 
_refine.pdbx_overall_SU_R_free_Blow_DPI          ? 
_refine.pdbx_overall_SU_R_Blow_DPI               ? 
_refine.pdbx_TLS_residual_ADP_flag               ? 
_refine.pdbx_diffrn_id                           1 
_refine.overall_SU_B                             ? 
_refine.overall_SU_ML                            0.0622 
_refine.overall_SU_R_Cruickshank_DPI             ? 
_refine.overall_SU_R_free                        ? 
_refine.overall_FOM_free_R_set                   ? 
_refine.overall_FOM_work_R_set                   ? 
_refine.pdbx_average_fsc_overall                 ? 
_refine.pdbx_average_fsc_work                    ? 
_refine.pdbx_average_fsc_free                    ? 
# 
_refine_hist.pdbx_refine_id                   'X-RAY DIFFRACTION' 
_refine_hist.cycle_id                         LAST 
_refine_hist.details                          ? 
_refine_hist.d_res_high                       0.97 
_refine_hist.d_res_low                        16.31 
_refine_hist.number_atoms_solvent             4 
_refine_hist.number_atoms_total               210 
_refine_hist.number_reflns_all                ? 
_refine_hist.number_reflns_obs                ? 
_refine_hist.number_reflns_R_free             ? 
_refine_hist.number_reflns_R_work             ? 
_refine_hist.R_factor_all                     ? 
_refine_hist.R_factor_obs                     ? 
_refine_hist.R_factor_R_free                  ? 
_refine_hist.R_factor_R_work                  ? 
_refine_hist.pdbx_number_residues_total       ? 
_refine_hist.pdbx_B_iso_mean_ligand           ? 
_refine_hist.pdbx_B_iso_mean_solvent          ? 
_refine_hist.pdbx_number_atoms_protein        162 
_refine_hist.pdbx_number_atoms_nucleic_acid   0 
_refine_hist.pdbx_number_atoms_ligand         44 
_refine_hist.pdbx_number_atoms_lipid          ? 
_refine_hist.pdbx_number_atoms_carb           ? 
_refine_hist.pdbx_pseudo_atom_details         ? 
# 
loop_
_refine_ls_restr.pdbx_refine_id 
_refine_ls_restr.criterion 
_refine_ls_restr.dev_ideal 
_refine_ls_restr.dev_ideal_target 
_refine_ls_restr.number 
_refine_ls_restr.rejects 
_refine_ls_restr.type 
_refine_ls_restr.weight 
_refine_ls_restr.pdbx_restraint_function 
'X-RAY DIFFRACTION' ? 0.0124  ? 280 ? f_bond_d           ? ? 
'X-RAY DIFFRACTION' ? 1.6786  ? 383 ? f_angle_d          ? ? 
'X-RAY DIFFRACTION' ? 0.0442  ? 20  ? f_chiral_restr     ? ? 
'X-RAY DIFFRACTION' ? 0.0079  ? 46  ? f_plane_restr      ? ? 
'X-RAY DIFFRACTION' ? 41.5936 ? 51  ? f_dihedral_angle_d ? ? 
# 
loop_
_refine_ls_shell.pdbx_refine_id 
_refine_ls_shell.d_res_high 
_refine_ls_shell.d_res_low 
_refine_ls_shell.number_reflns_all 
_refine_ls_shell.number_reflns_obs 
_refine_ls_shell.number_reflns_R_free 
_refine_ls_shell.number_reflns_R_work 
_refine_ls_shell.percent_reflns_obs 
_refine_ls_shell.percent_reflns_R_free 
_refine_ls_shell.R_factor_all 
_refine_ls_shell.R_factor_obs 
_refine_ls_shell.R_factor_R_free_error 
_refine_ls_shell.R_factor_R_work 
_refine_ls_shell.redundancy_reflns_all 
_refine_ls_shell.redundancy_reflns_obs 
_refine_ls_shell.wR_factor_all 
_refine_ls_shell.wR_factor_obs 
_refine_ls_shell.wR_factor_R_free 
_refine_ls_shell.wR_factor_R_work 
_refine_ls_shell.pdbx_R_complete 
_refine_ls_shell.pdbx_total_number_of_bins_used 
_refine_ls_shell.pdbx_phase_error 
_refine_ls_shell.pdbx_fsc_work 
_refine_ls_shell.pdbx_fsc_free 
_refine_ls_shell.R_factor_R_free 
'X-RAY DIFFRACTION' 0.97 1.02  . . 113 1011 77.09 . . . . 0.1504 . . . . . . . . . . . 0.1991 
'X-RAY DIFFRACTION' 1.02 1.09  . . 137 1247 99.14 . . . . 0.1433 . . . . . . . . . . . 0.1905 
'X-RAY DIFFRACTION' 1.09 1.17  . . 141 1269 99.30 . . . . 0.1264 . . . . . . . . . . . 0.1591 
'X-RAY DIFFRACTION' 1.17 1.29  . . 143 1289 99.24 . . . . 0.1314 . . . . . . . . . . . 0.1748 
'X-RAY DIFFRACTION' 1.29 1.47  . . 141 1265 97.98 . . . . 0.1321 . . . . . . . . . . . 0.1439 
'X-RAY DIFFRACTION' 1.47 1.85  . . 140 1263 99.36 . . . . 0.1409 . . . . . . . . . . . 0.1744 
'X-RAY DIFFRACTION' 1.86 16.31 . . 145 1290 98.42 . . . . 0.1336 . . . . . . . . . . . 0.1464 
# 
_struct.entry_id                     8GK9 
_struct.title                        'Porous framework formed by assembly of a bipyridyl-conjugated helical peptide' 
_struct.pdbx_model_details           ? 
_struct.pdbx_formula_weight          ? 
_struct.pdbx_formula_weight_method   ? 
_struct.pdbx_model_type_details      ? 
_struct.pdbx_CASP_flag               N 
# 
_struct_keywords.entry_id        8GK9 
_struct_keywords.text            'DE NOVO PROTEIN' 
_struct_keywords.pdbx_keywords   'DE NOVO PROTEIN' 
# 
loop_
_struct_asym.id 
_struct_asym.pdbx_blank_PDB_chainid_flag 
_struct_asym.pdbx_modified 
_struct_asym.entity_id 
_struct_asym.details 
A N N 1 ? 
B N N 1 ? 
C N N 2 ? 
D N N 2 ? 
E N N 3 ? 
F N N 3 ? 
# 
_struct_ref.id                         1 
_struct_ref.db_name                    PDB 
_struct_ref.db_code                    8GK9 
_struct_ref.pdbx_db_accession          8GK9 
_struct_ref.pdbx_db_isoform            ? 
_struct_ref.entity_id                  2 
_struct_ref.pdbx_seq_one_letter_code   ? 
_struct_ref.pdbx_align_begin           1 
# 
loop_
_struct_ref_seq.align_id 
_struct_ref_seq.ref_id 
_struct_ref_seq.pdbx_PDB_id_code 
_struct_ref_seq.pdbx_strand_id 
_struct_ref_seq.seq_align_beg 
_struct_ref_seq.pdbx_seq_align_beg_ins_code 
_struct_ref_seq.seq_align_end 
_struct_ref_seq.pdbx_seq_align_end_ins_code 
_struct_ref_seq.pdbx_db_accession 
_struct_ref_seq.db_align_beg 
_struct_ref_seq.pdbx_db_align_beg_ins_code 
_struct_ref_seq.db_align_end 
_struct_ref_seq.pdbx_db_align_end_ins_code 
_struct_ref_seq.pdbx_auth_seq_align_beg 
_struct_ref_seq.pdbx_auth_seq_align_end 
1 1 8GK9 A 2 ? 10 ? 8GK9 2 ? 10 ? 2 10 
2 1 8GK9 B 2 ? 10 ? 8GK9 2 ? 10 ? 2 10 
# 
_pdbx_struct_assembly.id                   1 
_pdbx_struct_assembly.details              author_defined_assembly 
_pdbx_struct_assembly.method_details       ? 
_pdbx_struct_assembly.oligomeric_details   dimeric 
_pdbx_struct_assembly.oligomeric_count     2 
# 
_pdbx_struct_assembly_gen.assembly_id       1 
_pdbx_struct_assembly_gen.oper_expression   1 
_pdbx_struct_assembly_gen.asym_id_list      A,B,C,D,E,F 
# 
_pdbx_struct_assembly_auth_evidence.id                     1 
_pdbx_struct_assembly_auth_evidence.assembly_id            1 
_pdbx_struct_assembly_auth_evidence.experimental_support   none 
_pdbx_struct_assembly_auth_evidence.details                ? 
# 
_pdbx_struct_oper_list.id                   1 
_pdbx_struct_oper_list.type                 'identity operation' 
_pdbx_struct_oper_list.name                 1_555 
_pdbx_struct_oper_list.symmetry_operation   x,y,z 
_pdbx_struct_oper_list.matrix[1][1]         1.0000000000 
_pdbx_struct_oper_list.matrix[1][2]         0.0000000000 
_pdbx_struct_oper_list.matrix[1][3]         0.0000000000 
_pdbx_struct_oper_list.vector[1]            0.0000000000 
_pdbx_struct_oper_list.matrix[2][1]         0.0000000000 
_pdbx_struct_oper_list.matrix[2][2]         1.0000000000 
_pdbx_struct_oper_list.matrix[2][3]         0.0000000000 
_pdbx_struct_oper_list.vector[2]            0.0000000000 
_pdbx_struct_oper_list.matrix[3][1]         0.0000000000 
_pdbx_struct_oper_list.matrix[3][2]         0.0000000000 
_pdbx_struct_oper_list.matrix[3][3]         1.0000000000 
_pdbx_struct_oper_list.vector[3]            0.0000000000 
# 
loop_
_struct_conf.conf_type_id 
_struct_conf.id 
_struct_conf.pdbx_PDB_helix_id 
_struct_conf.beg_label_comp_id 
_struct_conf.beg_label_asym_id 
_struct_conf.beg_label_seq_id 
_struct_conf.pdbx_beg_PDB_ins_code 
_struct_conf.end_label_comp_id 
_struct_conf.end_label_asym_id 
_struct_conf.end_label_seq_id 
_struct_conf.pdbx_end_PDB_ins_code 
_struct_conf.beg_auth_comp_id 
_struct_conf.beg_auth_asym_id 
_struct_conf.beg_auth_seq_id 
_struct_conf.end_auth_comp_id 
_struct_conf.end_auth_asym_id 
_struct_conf.end_auth_seq_id 
_struct_conf.pdbx_PDB_helix_class 
_struct_conf.details 
_struct_conf.pdbx_PDB_helix_length 
HELX_P HELX_P1 AA1 LEU A 2 ? LEU A 10 ? LEU A 2 LEU A 10 1 ? 9 
HELX_P HELX_P2 AA2 AIB B 3 ? LEU B 10 ? AIB B 3 LEU B 10 1 ? 8 
# 
_struct_conf_type.id          HELX_P 
_struct_conf_type.criteria    ? 
_struct_conf_type.reference   ? 
# 
loop_
_struct_conn.id 
_struct_conn.conn_type_id 
_struct_conn.pdbx_leaving_atom_flag 
_struct_conn.pdbx_PDB_id 
_struct_conn.ptnr1_label_asym_id 
_struct_conn.ptnr1_label_comp_id 
_struct_conn.ptnr1_label_seq_id 
_struct_conn.ptnr1_label_atom_id 
_struct_conn.pdbx_ptnr1_label_alt_id 
_struct_conn.pdbx_ptnr1_PDB_ins_code 
_struct_conn.pdbx_ptnr1_standard_comp_id 
_struct_conn.ptnr1_symmetry 
_struct_conn.ptnr2_label_asym_id 
_struct_conn.ptnr2_label_comp_id 
_struct_conn.ptnr2_label_seq_id 
_struct_conn.ptnr2_label_atom_id 
_struct_conn.pdbx_ptnr2_label_alt_id 
_struct_conn.pdbx_ptnr2_PDB_ins_code 
_struct_conn.ptnr1_auth_asym_id 
_struct_conn.ptnr1_auth_comp_id 
_struct_conn.ptnr1_auth_seq_id 
_struct_conn.ptnr2_auth_asym_id 
_struct_conn.ptnr2_auth_comp_id 
_struct_conn.ptnr2_auth_seq_id 
_struct_conn.ptnr2_symmetry 
_struct_conn.pdbx_ptnr3_label_atom_id 
_struct_conn.pdbx_ptnr3_label_seq_id 
_struct_conn.pdbx_ptnr3_label_comp_id 
_struct_conn.pdbx_ptnr3_label_asym_id 
_struct_conn.pdbx_ptnr3_label_alt_id 
_struct_conn.pdbx_ptnr3_PDB_ins_code 
_struct_conn.details 
_struct_conn.pdbx_dist_value 
_struct_conn.pdbx_value_order 
_struct_conn.pdbx_role 
covale1  covale one  ? A I6W 1  C02 A ? ? 1_555 A LEU 2  N   ? ? A I6W 1  A LEU 2  1_555 ? ? ? ? ? ? ? 1.426 ? ? 
covale2  covale one  ? A I6W 1  C02 B ? ? 1_555 A LEU 2  N   ? ? A I6W 1  A LEU 2  1_555 ? ? ? ? ? ? ? 1.430 ? ? 
covale3  covale both ? A LEU 2  C   ? ? ? 1_555 A AIB 3  N   ? ? A LEU 2  A AIB 3  1_555 ? ? ? ? ? ? ? 1.331 ? ? 
covale4  covale both ? A AIB 3  C   ? ? ? 1_555 A ALA 4  N   ? ? A AIB 3  A ALA 4  1_555 ? ? ? ? ? ? ? 1.334 ? ? 
covale5  covale both ? A ALA 4  C   ? ? ? 1_555 A AIB 5  N   ? ? A ALA 4  A AIB 5  1_555 ? ? ? ? ? ? ? 1.332 ? ? 
covale6  covale both ? A AIB 5  C   ? ? ? 1_555 A LEU 6  N   ? ? A AIB 5  A LEU 6  1_555 ? ? ? ? ? ? ? 1.327 ? ? 
covale7  covale both ? A GLN 8  C   ? ? ? 1_555 A AIB 9  N   ? ? A GLN 8  A AIB 9  1_555 ? ? ? ? ? ? ? 1.333 ? ? 
covale8  covale both ? A AIB 9  C   ? ? ? 1_555 A LEU 10 N   ? ? A AIB 9  A LEU 10 1_555 ? ? ? ? ? ? ? 1.339 ? ? 
covale9  covale one  ? A LEU 10 C   ? ? ? 1_555 A I77 11 N15 ? ? A LEU 10 A I77 11 1_555 ? ? ? ? ? ? ? 1.413 ? ? 
covale10 covale one  ? B I6W 1  C02 A ? ? 1_555 B LEU 2  N   ? ? B I6W 1  B LEU 2  1_555 ? ? ? ? ? ? ? 1.427 ? ? 
covale11 covale one  ? B I6W 1  C02 B ? ? 1_555 B LEU 2  N   ? ? B I6W 1  B LEU 2  1_555 ? ? ? ? ? ? ? 1.430 ? ? 
covale12 covale both ? B LEU 2  C   ? ? ? 1_555 B AIB 3  N   ? ? B LEU 2  B AIB 3  1_555 ? ? ? ? ? ? ? 1.334 ? ? 
covale13 covale both ? B AIB 3  C   ? ? ? 1_555 B ALA 4  N   ? ? B AIB 3  B ALA 4  1_555 ? ? ? ? ? ? ? 1.325 ? ? 
covale14 covale both ? B ALA 4  C   ? ? ? 1_555 B AIB 5  N   ? ? B ALA 4  B AIB 5  1_555 ? ? ? ? ? ? ? 1.327 ? ? 
covale15 covale both ? B AIB 5  C   ? ? ? 1_555 B LEU 6  N   ? ? B AIB 5  B LEU 6  1_555 ? ? ? ? ? ? ? 1.326 ? ? 
covale16 covale both ? B GLN 8  C   ? ? ? 1_555 B AIB 9  N   ? ? B GLN 8  B AIB 9  1_555 ? ? ? ? ? ? ? 1.330 ? ? 
covale17 covale both ? B AIB 9  C   ? ? ? 1_555 B LEU 10 N   ? ? B AIB 9  B LEU 10 1_555 ? ? ? ? ? ? ? 1.336 ? ? 
covale18 covale one  ? B LEU 10 C   ? ? ? 1_555 B I77 11 N15 A ? B LEU 10 B I77 11 1_555 ? ? ? ? ? ? ? 1.418 ? ? 
covale19 covale one  ? B LEU 10 C   ? ? ? 1_555 B I77 11 N15 B ? B LEU 10 B I77 11 1_555 ? ? ? ? ? ? ? 1.427 ? ? 
# 
_struct_conn_type.id          covale 
_struct_conn_type.criteria    ? 
_struct_conn_type.reference   ? 
# 
_pdbx_entry_details.entry_id                   8GK9 
_pdbx_entry_details.has_ligand_of_interest     N 
_pdbx_entry_details.compound_details           ? 
_pdbx_entry_details.source_details             ? 
_pdbx_entry_details.nonpolymer_details         ? 
_pdbx_entry_details.sequence_details           ? 
_pdbx_entry_details.has_protein_modification   ? 
# 
loop_
_space_group_symop.id 
_space_group_symop.operation_xyz 
1 x,y,z       
2 -x,y+1/2,-z 
# 
loop_
_chem_comp_atom.comp_id 
_chem_comp_atom.atom_id 
_chem_comp_atom.type_symbol 
_chem_comp_atom.pdbx_aromatic_flag 
_chem_comp_atom.pdbx_stereo_config 
_chem_comp_atom.pdbx_ordinal 
AIB N    N N N 1   
AIB CA   C N N 2   
AIB C    C N N 3   
AIB O    O N N 4   
AIB OXT  O N N 5   
AIB CB1  C N N 6   
AIB CB2  C N N 7   
AIB H    H N N 8   
AIB H2   H N N 9   
AIB HXT  H N N 10  
AIB HB11 H N N 11  
AIB HB12 H N N 12  
AIB HB13 H N N 13  
AIB HB21 H N N 14  
AIB HB22 H N N 15  
AIB HB23 H N N 16  
ALA N    N N N 17  
ALA CA   C N S 18  
ALA C    C N N 19  
ALA O    O N N 20  
ALA CB   C N N 21  
ALA OXT  O N N 22  
ALA H    H N N 23  
ALA H2   H N N 24  
ALA HA   H N N 25  
ALA HB1  H N N 26  
ALA HB2  H N N 27  
ALA HB3  H N N 28  
ALA HXT  H N N 29  
CCN N    N N N 30  
CCN C1   C N N 31  
CCN C2   C N N 32  
CCN H21  H N N 33  
CCN H22  H N N 34  
CCN H23  H N N 35  
CYS N    N N N 36  
CYS CA   C N R 37  
CYS C    C N N 38  
CYS O    O N N 39  
CYS CB   C N N 40  
CYS SG   S N N 41  
CYS OXT  O N N 42  
CYS H    H N N 43  
CYS H2   H N N 44  
CYS HA   H N N 45  
CYS HB2  H N N 46  
CYS HB3  H N N 47  
CYS HG   H N N 48  
CYS HXT  H N N 49  
GLN N    N N N 50  
GLN CA   C N S 51  
GLN C    C N N 52  
GLN O    O N N 53  
GLN CB   C N N 54  
GLN CG   C N N 55  
GLN CD   C N N 56  
GLN OE1  O N N 57  
GLN NE2  N N N 58  
GLN OXT  O N N 59  
GLN H    H N N 60  
GLN H2   H N N 61  
GLN HA   H N N 62  
GLN HB2  H N N 63  
GLN HB3  H N N 64  
GLN HG2  H N N 65  
GLN HG3  H N N 66  
GLN HE21 H N N 67  
GLN HE22 H N N 68  
GLN HXT  H N N 69  
HOH O    O N N 70  
HOH H1   H N N 71  
HOH H2   H N N 72  
I6W C05  C Y N 73  
I6W C08  C Y N 74  
I6W C09  C Y N 75  
I6W N10  N Y N 76  
I6W C02  C N N 77  
I6W C03  C Y N 78  
I6W C04  C Y N 79  
I6W C06  C Y N 80  
I6W C11  C Y N 81  
I6W C12  C Y N 82  
I6W C13  C N N 83  
I6W C15  C N N 84  
I6W C16  C N N 85  
I6W C18  C Y N 86  
I6W C19  C Y N 87  
I6W N07  N Y N 88  
I6W O01  O N N 89  
I6W O14  O N N 90  
I6W O17  O N N 91  
I6W H051 H N N 92  
I6W H1   H N N 93  
I6W H041 H N N 94  
I6W H061 H N N 95  
I6W H111 H N N 96  
I6W H152 H N N 97  
I6W H151 H N N 98  
I6W H162 H N N 99  
I6W H163 H N N 100 
I6W H161 H N N 101 
I6W H181 H N N 102 
I6W H191 H N N 103 
I77 C11  C Y N 104 
I77 C12  C Y N 105 
I77 C13  C N N 106 
I77 C17  C Y N 107 
I77 C18  C Y N 108 
I77 C02  C N N 109 
I77 C03  C Y N 110 
I77 C04  C Y N 111 
I77 C05  C Y N 112 
I77 C06  C Y N 113 
I77 C08  C Y N 114 
I77 C09  C Y N 115 
I77 N01  N N N 116 
I77 N07  N Y N 117 
I77 N10  N Y N 118 
I77 N14  N N N 119 
I77 N15  N N N 120 
I77 O16  O N N 121 
I77 O19  O N N 122 
I77 H111 H N N 123 
I77 H171 H N N 124 
I77 H181 H N N 125 
I77 H041 H N N 126 
I77 H051 H N N 127 
I77 H061 H N N 128 
I77 H011 H N N 129 
I77 H012 H N N 130 
I77 H141 H N N 131 
I77 H1   H N N 132 
I77 H2   H N N 133 
LEU N    N N N 134 
LEU CA   C N S 135 
LEU C    C N N 136 
LEU O    O N N 137 
LEU CB   C N N 138 
LEU CG   C N N 139 
LEU CD1  C N N 140 
LEU CD2  C N N 141 
LEU OXT  O N N 142 
LEU H    H N N 143 
LEU H2   H N N 144 
LEU HA   H N N 145 
LEU HB2  H N N 146 
LEU HB3  H N N 147 
LEU HG   H N N 148 
LEU HD11 H N N 149 
LEU HD12 H N N 150 
LEU HD13 H N N 151 
LEU HD21 H N N 152 
LEU HD22 H N N 153 
LEU HD23 H N N 154 
LEU HXT  H N N 155 
# 
loop_
_chem_comp_bond.comp_id 
_chem_comp_bond.atom_id_1 
_chem_comp_bond.atom_id_2 
_chem_comp_bond.value_order 
_chem_comp_bond.pdbx_aromatic_flag 
_chem_comp_bond.pdbx_stereo_config 
_chem_comp_bond.pdbx_ordinal 
AIB N   CA   sing N N 1   
AIB N   H    sing N N 2   
AIB N   H2   sing N N 3   
AIB CA  C    sing N N 4   
AIB CA  CB1  sing N N 5   
AIB CA  CB2  sing N N 6   
AIB C   O    doub N N 7   
AIB C   OXT  sing N N 8   
AIB OXT HXT  sing N N 9   
AIB CB1 HB11 sing N N 10  
AIB CB1 HB12 sing N N 11  
AIB CB1 HB13 sing N N 12  
AIB CB2 HB21 sing N N 13  
AIB CB2 HB22 sing N N 14  
AIB CB2 HB23 sing N N 15  
ALA N   CA   sing N N 16  
ALA N   H    sing N N 17  
ALA N   H2   sing N N 18  
ALA CA  C    sing N N 19  
ALA CA  CB   sing N N 20  
ALA CA  HA   sing N N 21  
ALA C   O    doub N N 22  
ALA C   OXT  sing N N 23  
ALA CB  HB1  sing N N 24  
ALA CB  HB2  sing N N 25  
ALA CB  HB3  sing N N 26  
ALA OXT HXT  sing N N 27  
CCN N   C1   trip N N 28  
CCN C1  C2   sing N N 29  
CCN C2  H21  sing N N 30  
CCN C2  H22  sing N N 31  
CCN C2  H23  sing N N 32  
CYS N   CA   sing N N 33  
CYS N   H    sing N N 34  
CYS N   H2   sing N N 35  
CYS CA  C    sing N N 36  
CYS CA  CB   sing N N 37  
CYS CA  HA   sing N N 38  
CYS C   O    doub N N 39  
CYS C   OXT  sing N N 40  
CYS CB  SG   sing N N 41  
CYS CB  HB2  sing N N 42  
CYS CB  HB3  sing N N 43  
CYS SG  HG   sing N N 44  
CYS OXT HXT  sing N N 45  
GLN N   CA   sing N N 46  
GLN N   H    sing N N 47  
GLN N   H2   sing N N 48  
GLN CA  C    sing N N 49  
GLN CA  CB   sing N N 50  
GLN CA  HA   sing N N 51  
GLN C   O    doub N N 52  
GLN C   OXT  sing N N 53  
GLN CB  CG   sing N N 54  
GLN CB  HB2  sing N N 55  
GLN CB  HB3  sing N N 56  
GLN CG  CD   sing N N 57  
GLN CG  HG2  sing N N 58  
GLN CG  HG3  sing N N 59  
GLN CD  OE1  doub N N 60  
GLN CD  NE2  sing N N 61  
GLN NE2 HE21 sing N N 62  
GLN NE2 HE22 sing N N 63  
GLN OXT HXT  sing N N 64  
HOH O   H1   sing N N 65  
HOH O   H2   sing N N 66  
I6W O01 C02  doub N N 67  
I6W C02 C03  sing N N 68  
I6W C03 C06  doub Y N 69  
I6W C03 C04  sing Y N 70  
I6W C06 N07  sing Y N 71  
I6W C04 C05  doub Y N 72  
I6W N07 C08  doub Y N 73  
I6W C05 C08  sing Y N 74  
I6W C08 C09  sing N N 75  
I6W C09 C19  doub Y N 76  
I6W C09 N10  sing Y N 77  
I6W C19 C18  sing Y N 78  
I6W N10 C11  doub Y N 79  
I6W C18 C12  doub Y N 80  
I6W C11 C12  sing Y N 81  
I6W C12 C13  sing N N 82  
I6W C13 O17  doub N N 83  
I6W C13 O14  sing N N 84  
I6W O14 C15  sing N N 85  
I6W C15 C16  sing N N 86  
I6W C05 H051 sing N N 87  
I6W C02 H1   sing N N 88  
I6W C04 H041 sing N N 89  
I6W C06 H061 sing N N 90  
I6W C11 H111 sing N N 91  
I6W C15 H152 sing N N 92  
I6W C15 H151 sing N N 93  
I6W C16 H162 sing N N 94  
I6W C16 H163 sing N N 95  
I6W C16 H161 sing N N 96  
I6W C18 H181 sing N N 97  
I6W C19 H191 sing N N 98  
I77 N15 N14  sing N N 99  
I77 O16 C13  doub N N 100 
I77 N14 C13  sing N N 101 
I77 C13 C12  sing N N 102 
I77 C12 C17  doub Y N 103 
I77 C12 C11  sing Y N 104 
I77 C17 C18  sing Y N 105 
I77 C11 N10  doub Y N 106 
I77 C18 C09  doub Y N 107 
I77 N10 C09  sing Y N 108 
I77 C09 C08  sing N N 109 
I77 C08 N07  doub Y N 110 
I77 C08 C05  sing Y N 111 
I77 N07 C06  sing Y N 112 
I77 C05 C04  doub Y N 113 
I77 C06 C03  doub Y N 114 
I77 C04 C03  sing Y N 115 
I77 C03 C02  sing N N 116 
I77 C02 N01  sing N N 117 
I77 C02 O19  doub N N 118 
I77 C11 H111 sing N N 119 
I77 C17 H171 sing N N 120 
I77 C18 H181 sing N N 121 
I77 C04 H041 sing N N 122 
I77 C05 H051 sing N N 123 
I77 C06 H061 sing N N 124 
I77 N01 H011 sing N N 125 
I77 N01 H012 sing N N 126 
I77 N14 H141 sing N N 127 
I77 N15 H1   sing N N 128 
I77 N15 H2   sing N N 129 
LEU N   CA   sing N N 130 
LEU N   H    sing N N 131 
LEU N   H2   sing N N 132 
LEU CA  C    sing N N 133 
LEU CA  CB   sing N N 134 
LEU CA  HA   sing N N 135 
LEU C   O    doub N N 136 
LEU C   OXT  sing N N 137 
LEU CB  CG   sing N N 138 
LEU CB  HB2  sing N N 139 
LEU CB  HB3  sing N N 140 
LEU CG  CD1  sing N N 141 
LEU CG  CD2  sing N N 142 
LEU CG  HG   sing N N 143 
LEU CD1 HD11 sing N N 144 
LEU CD1 HD12 sing N N 145 
LEU CD1 HD13 sing N N 146 
LEU CD2 HD21 sing N N 147 
LEU CD2 HD22 sing N N 148 
LEU CD2 HD23 sing N N 149 
LEU OXT HXT  sing N N 150 
# 
_pdbx_audit_support.funding_organization   'Other private' 
_pdbx_audit_support.country                ? 
_pdbx_audit_support.grant_number           ? 
_pdbx_audit_support.ordinal                1 
# 
_pdbx_initial_refinement_model.id               1 
_pdbx_initial_refinement_model.entity_id_list   ? 
_pdbx_initial_refinement_model.type             other 
_pdbx_initial_refinement_model.source_name      Other 
_pdbx_initial_refinement_model.accession_code   ? 
_pdbx_initial_refinement_model.details          model 
# 
_space_group.name_H-M_alt     'P 1 21 1' 
_space_group.name_Hall        'P 2yb' 
_space_group.IT_number        4 
_space_group.crystal_system   monoclinic 
_space_group.id               1 
# 
_atom_sites.entry_id                    8GK9 
_atom_sites.Cartn_transf_matrix[1][1]   ? 
_atom_sites.Cartn_transf_matrix[1][2]   ? 
_atom_sites.Cartn_transf_matrix[1][3]   ? 
_atom_sites.Cartn_transf_matrix[2][1]   ? 
_atom_sites.Cartn_transf_matrix[2][2]   ? 
_atom_sites.Cartn_transf_matrix[2][3]   ? 
_atom_sites.Cartn_transf_matrix[3][1]   ? 
_atom_sites.Cartn_transf_matrix[3][2]   ? 
_atom_sites.Cartn_transf_matrix[3][3]   ? 
_atom_sites.Cartn_transf_vector[1]      ? 
_atom_sites.Cartn_transf_vector[2]      ? 
_atom_sites.Cartn_transf_vector[3]      ? 
_atom_sites.fract_transf_matrix[1][1]   -0.06538943 
_atom_sites.fract_transf_matrix[1][2]   -0.03919942 
_atom_sites.fract_transf_matrix[1][3]   -0.06288167 
_atom_sites.fract_transf_matrix[2][1]   -0.01436391 
_atom_sites.fract_transf_matrix[2][2]   0.01281224 
_atom_sites.fract_transf_matrix[2][3]   0.00694981 
_atom_sites.fract_transf_matrix[3][1]   0.01082327 
_atom_sites.fract_transf_matrix[3][2]   0.03596785 
_atom_sites.fract_transf_matrix[3][3]   -0.04393846 
_atom_sites.fract_transf_vector[1]      0.076926 
_atom_sites.fract_transf_vector[2]      0.084427 
_atom_sites.fract_transf_vector[3]      -0.088030 
_atom_sites.solution_primary            ? 
_atom_sites.solution_secondary          ? 
_atom_sites.solution_hydrogens          ? 
_atom_sites.special_details             ? 
# 
loop_
_atom_type.symbol 
_atom_type.scat_dispersion_real 
_atom_type.scat_dispersion_imag 
_atom_type.scat_Cromer_Mann_a1 
_atom_type.scat_Cromer_Mann_a2 
_atom_type.scat_Cromer_Mann_a3 
_atom_type.scat_Cromer_Mann_a4 
_atom_type.scat_Cromer_Mann_b1 
_atom_type.scat_Cromer_Mann_b2 
_atom_type.scat_Cromer_Mann_b3 
_atom_type.scat_Cromer_Mann_b4 
_atom_type.scat_Cromer_Mann_c 
_atom_type.scat_source 
_atom_type.scat_dispersion_source 
C ? ? 2.51340 1.74867 1.72398 ? 31.80534 0.44561  10.58317 ? 0.0 
;3-Gaussian fit: Grosse-Kunstleve RW, Sauter NK, Adams PD: Newsletter of the IUCr Commission on Crystallographic Computing 2004, 3, 22-31.
;
? 
H ? ? 0.53795 0.34799 0.11320 ? 10.08003 29.74760 2.57510  ? 0.0 
;3-Gaussian fit: Grosse-Kunstleve RW, Sauter NK, Adams PD: Newsletter of the IUCr Commission on Crystallographic Computing 2004, 3, 22-31.
;
? 
N ? ? 2.99955 2.25584 1.72788 ? 23.27268 7.45433  0.31622  ? 0.0 
;3-Gaussian fit: Grosse-Kunstleve RW, Sauter NK, Adams PD: Newsletter of the IUCr Commission on Crystallographic Computing 2004, 3, 22-31.
;
? 
O ? ? 4.49882 3.47563 ?       ? 15.80542 1.70748  ?        ? 0.0 
;2-Gaussian fit: Grosse-Kunstleve RW, Sauter NK, Adams PD: Newsletter of the IUCr Commission on Crystallographic Computing 2004, 3, 22-31.
;
? 
S ? ? 9.55732 6.39887 ?       ? 1.23737  29.19336 ?        ? 0.0 
;2-Gaussian fit: Grosse-Kunstleve RW, Sauter NK, Adams PD: Newsletter of the IUCr Commission on Crystallographic Computing 2004, 3, 22-31.
;
? 
# 
loop_
_atom_site.group_PDB 
_atom_site.id 
_atom_site.type_symbol 
_atom_site.label_atom_id 
_atom_site.label_alt_id 
_atom_site.label_comp_id 
_atom_site.label_asym_id 
_atom_site.label_entity_id 
_atom_site.label_seq_id 
_atom_site.pdbx_PDB_ins_code 
_atom_site.Cartn_x 
_atom_site.Cartn_y 
_atom_site.Cartn_z 
_atom_site.occupancy 
_atom_site.B_iso_or_equiv 
_atom_site.pdbx_formal_charge 
_atom_site.auth_seq_id 
_atom_site.auth_comp_id 
_atom_site.auth_asym_id 
_atom_site.auth_atom_id 
_atom_site.pdbx_PDB_model_num 
HETATM 1   C C05  A I6W A 1 1  ? 2.73735   -10.21018 -3.19236  0.977 7.78477  ? 1   I6W A C05  1 
HETATM 2   C C05  B I6W A 1 1  ? 2.87044   -10.20768 -3.17529  0.023 18.23051 ? 1   I6W A C05  1 
HETATM 3   C C08  A I6W A 1 1  ? 2.38492   -11.04832 -2.18862  0.977 8.82744  ? 1   I6W A C08  1 
HETATM 4   C C08  B I6W A 1 1  ? 2.38060   -11.09632 -2.26865  0.023 20.07057 ? 1   I6W A C08  1 
HETATM 5   C C09  A I6W A 1 1  ? 3.07551   -12.38788 -2.16591  0.977 9.90148  ? 1   I6W A C09  1 
HETATM 6   C C09  B I6W A 1 1  ? 3.01780   -12.47548 -2.21486  0.023 23.80450 ? 1   I6W A C09  1 
HETATM 7   N N10  A I6W A 1 1  ? 3.97113   -12.72008 -3.07659  0.977 11.85868 ? 1   I6W A N10  1 
HETATM 8   N N10  B I6W A 1 1  ? 3.82338   -12.79967 -3.19104  0.023 25.61397 ? 1   I6W A N10  1 
HETATM 9   C C02  A I6W A 1 1  ? 0.56364   -7.26493  -2.52830  0.977 8.94674  ? 1   I6W A C02  1 
HETATM 10  C C02  B I6W A 1 1  ? 0.63102   -7.24075  -2.46572  0.023 11.92316 ? 1   I6W A C02  1 
HETATM 11  C C03  A I6W A 1 1  ? 1.16700   -8.64926  -2.34107  0.977 8.43784  ? 1   I6W A C03  1 
HETATM 12  C C03  B I6W A 1 1  ? 1.26811   -8.63442  -2.40227  0.023 14.95442 ? 1   I6W A C03  1 
HETATM 13  C C04  A I6W A 1 1  ? 2.11217   -8.98724  -3.26511  0.977 8.48237  ? 1   I6W A C04  1 
HETATM 14  C C04  B I6W A 1 1  ? 2.31016   -8.92783  -3.25959  0.023 16.58302 ? 1   I6W A C04  1 
HETATM 15  C C06  A I6W A 1 1  ? 0.81686   -9.52606  -1.32783  0.977 8.91036  ? 1   I6W A C06  1 
HETATM 16  C C06  B I6W A 1 1  ? 0.81075   -9.57295  -1.50423  0.023 16.55604 ? 1   I6W A C06  1 
HETATM 17  C C11  A I6W A 1 1  ? 4.54883   -13.91390 -3.08637  0.977 12.00510 ? 1   I6W A C11  1 
HETATM 18  C C11  B I6W A 1 1  ? 4.42677   -13.95977 -3.24462  0.023 27.14383 ? 1   I6W A C11  1 
HETATM 19  C C12  A I6W A 1 1  ? 4.18936   -14.84250 -2.11618  0.977 14.18239 ? 1   I6W A C12  1 
HETATM 20  C C12  B I6W A 1 1  ? 4.22119   -14.89238 -2.25068  0.023 28.41869 ? 1   I6W A C12  1 
HETATM 21  C C13  A I6W A 1 1  ? 4.81497   -16.26393 -2.07737  0.977 16.92502 ? 1   I6W A C13  1 
HETATM 22  C C13  B I6W A 1 1  ? 4.97615   -16.24395 -2.39006  0.023 30.70465 ? 1   I6W A C13  1 
HETATM 23  C C15  A I6W A 1 1  ? 5.56456   -18.14873 -3.41795  0.977 24.29801 ? 1   I6W A C15  1 
HETATM 24  C C15  B I6W A 1 1  ? 6.38650   -17.61251 -3.80438  0.023 33.71584 ? 1   I6W A C15  1 
HETATM 25  C C16  A I6W A 1 1  ? 6.17997   -18.37658 -4.82280  0.977 25.89482 ? 1   I6W A C16  1 
HETATM 26  C C16  B I6W A 1 1  ? 6.05211   -17.78638 -5.30718  0.023 34.36623 ? 1   I6W A C16  1 
HETATM 27  C C18  A I6W A 1 1  ? 3.24962   -14.52378 -1.18297  0.977 14.49679 ? 1   I6W A C18  1 
HETATM 28  C C18  B I6W A 1 1  ? 3.38595   -14.60555 -1.19802  0.023 27.12653 ? 1   I6W A C18  1 
HETATM 29  C C19  A I6W A 1 1  ? 2.67578   -13.27160 -1.21197  0.977 11.72181 ? 1   I6W A C19  1 
HETATM 30  C C19  B I6W A 1 1  ? 2.76441   -13.35331 -1.18253  0.023 25.57285 ? 1   I6W A C19  1 
HETATM 31  N N07  A I6W A 1 1  ? 1.43772   -10.71663 -1.28645  0.977 9.21243  ? 1   I6W A N07  1 
HETATM 32  N N07  B I6W A 1 1  ? 1.37422   -10.77180 -1.46241  0.023 18.27959 ? 1   I6W A N07  1 
HETATM 33  O O01  A I6W A 1 1  ? 0.98725   -6.58196  -3.43681  0.977 9.35932  ? 1   I6W A O01  1 
HETATM 34  O O01  B I6W A 1 1  ? 0.74707   -6.58975  -3.46769  0.023 11.91178 ? 1   I6W A O01  1 
HETATM 35  O O14  A I6W A 1 1  ? 5.41341   -16.73011 -3.27817  0.977 19.45842 ? 1   I6W A O14  1 
HETATM 36  O O14  B I6W A 1 1  ? 5.98076   -16.30081 -3.40341  0.023 32.44856 ? 1   I6W A O14  1 
HETATM 37  O O17  A I6W A 1 1  ? 4.75148   -16.91306 -1.09804  0.977 19.72538 ? 1   I6W A O17  1 
HETATM 38  O O17  B I6W A 1 1  ? 4.71858   -17.15221 -1.69054  0.023 30.93667 ? 1   I6W A O17  1 
HETATM 39  H H051 A I6W A 1 1  ? 3.47969   -10.49118 -3.90692  0.977 9.34173  ? 1   I6W A H051 1 
HETATM 40  H H051 B I6W A 1 1  ? 3.67694   -10.48526 -3.81804  0.023 21.87661 ? 1   I6W A H051 1 
HETATM 41  H H041 A I6W A 1 1  ? 2.37832   -8.26886  -4.08212  0.977 10.17885 ? 1   I6W A H041 1 
HETATM 42  H H041 B I6W A 1 1  ? 2.69118   -8.17163  -3.99265  0.023 19.89963 ? 1   I6W A H041 1 
HETATM 43  H H061 A I6W A 1 1  ? 0.06488   -9.25944  -0.59105  0.977 10.69243 ? 1   I6W A H061 1 
HETATM 44  H H061 B I6W A 1 1  ? -0.00827  -9.33128  -0.83328  0.023 19.86724 ? 1   I6W A H061 1 
HETATM 45  H H111 A I6W A 1 1  ? 5.27617   -14.15735 -3.82524  0.977 14.40612 ? 1   I6W A H111 1 
HETATM 46  H H111 B I6W A 1 1  ? 5.07762   -14.18374 -4.05730  0.023 32.57259 ? 1   I6W A H111 1 
HETATM 47  H H152 A I6W A 1 1  ? 6.22611   -18.53320 -2.65152  0.977 29.15761 ? 1   I6W A H152 1 
HETATM 48  H H152 B I6W A 1 1  ? 7.45240   -17.72816 -3.65150  0.023 40.45901 ? 1   I6W A H152 1 
HETATM 49  H H151 A I6W A 1 1  ? 4.60096   -18.63788 -3.34646  0.977 29.15761 ? 1   I6W A H151 1 
HETATM 50  H H151 B I6W A 1 1  ? 5.85247   -18.35400 -3.22309  0.023 40.45901 ? 1   I6W A H151 1 
HETATM 51  H H162 A I6W A 1 1  ? 6.53141   -19.42198 -4.90556  0.977 31.07379 ? 1   I6W A H162 1 
HETATM 52  H H162 B I6W A 1 1  ? 6.60880   -18.65288 -5.71030  0.023 41.23948 ? 1   I6W A H162 1 
HETATM 53  H H163 A I6W A 1 1  ? 7.03314   -17.68771 -4.96706  0.977 31.07379 ? 1   I6W A H163 1 
HETATM 54  H H163 B I6W A 1 1  ? 6.34329   -16.87211 -5.85725  0.023 41.23948 ? 1   I6W A H163 1 
HETATM 55  H H161 A I6W A 1 1  ? 5.41366   -18.18232 -5.59627  0.977 31.07379 ? 1   I6W A H161 1 
HETATM 56  H H161 B I6W A 1 1  ? 4.96591   -17.95807 -5.42513  0.023 41.23948 ? 1   I6W A H161 1 
HETATM 57  H H181 A I6W A 1 1  ? 2.95513   -15.24828 -0.42371  0.977 17.39615 ? 1   I6W A H181 1 
HETATM 58  H H181 B I6W A 1 1  ? 3.21305   -15.32915 -0.40140  0.023 32.55184 ? 1   I6W A H181 1 
HETATM 59  H H191 A I6W A 1 1  ? 1.91590   -12.99432 -0.48434  0.977 14.06617 ? 1   I6W A H191 1 
HETATM 60  H H191 B I6W A 1 1  ? 2.09383   -13.07709 -0.37150  0.023 30.68742 ? 1   I6W A H191 1 
ATOM   61  N N    . LEU A 1 2  ? -0.44789  -6.82667  -1.62428  1.000 9.09672  ? 2   LEU A N    1 
ATOM   62  C CA   . LEU A 1 2  ? -1.07572  -5.55021  -1.93780  1.000 8.82445  ? 2   LEU A CA   1 
ATOM   63  C C    . LEU A 1 2  ? -0.09906  -4.39599  -1.88966  1.000 8.35487  ? 2   LEU A C    1 
ATOM   64  O O    . LEU A 1 2  ? -0.21962  -3.46464  -2.67904  1.000 9.56395  ? 2   LEU A O    1 
ATOM   65  C CB   . LEU A 1 2  ? -2.26813  -5.28428  -1.00434  1.000 9.05285  ? 2   LEU A CB   1 
ATOM   66  C CG   . LEU A 1 2  ? -3.49293  -6.14506  -1.27050  1.000 9.36677  ? 2   LEU A CG   1 
ATOM   67  C CD1  . LEU A 1 2  ? -4.57429  -5.76598  -0.31466  1.000 10.50310 ? 2   LEU A CD1  1 
ATOM   68  C CD2  . LEU A 1 2  ? -3.97219  -5.94805  -2.69442  1.000 11.16317 ? 2   LEU A CD2  1 
ATOM   69  H HA   . LEU A 1 2  ? -1.40886  -5.59794  -2.84756  1.000 10.58934 ? 2   LEU A HA   1 
ATOM   70  H HB2  . LEU A 1 2  ? -1.98636  -5.45160  -0.09138  1.000 10.86342 ? 2   LEU A HB2  1 
ATOM   71  H HB3  . LEU A 1 2  ? -2.53535  -4.35721  -1.10444  1.000 10.86342 ? 2   LEU A HB3  1 
ATOM   72  H HG   . LEU A 1 2  ? -3.27033  -7.08154  -1.15067  1.000 11.24013 ? 2   LEU A HG   1 
ATOM   73  H HD11 . LEU A 1 2  ? -5.32618  -6.36710  -0.43386  1.000 12.60372 ? 2   LEU A HD11 1 
ATOM   74  H HD12 . LEU A 1 2  ? -4.23438  -5.83697  0.59106   1.000 12.60372 ? 2   LEU A HD12 1 
ATOM   75  H HD13 . LEU A 1 2  ? -4.84886  -4.85316  -0.49431  1.000 12.60372 ? 2   LEU A HD13 1 
ATOM   76  H HD21 . LEU A 1 2  ? -4.88830  -6.25892  -2.76515  1.000 13.39581 ? 2   LEU A HD21 1 
ATOM   77  H HD22 . LEU A 1 2  ? -3.92491  -5.00486  -2.91590  1.000 13.39581 ? 2   LEU A HD22 1 
ATOM   78  H HD23 . LEU A 1 2  ? -3.40301  -6.45720  -3.29250  1.000 13.39581 ? 2   LEU A HD23 1 
HETATM 79  N N    . AIB A 1 3  ? 0.86338   -4.43868  -0.97148  1.000 9.18912  ? 3   AIB A N    1 
HETATM 80  C CA   . AIB A 1 3  ? 1.84673   -3.38931  -0.85712  1.000 9.45577  ? 3   AIB A CA   1 
HETATM 81  C C    . AIB A 1 3  ? 2.56162   -3.13863  -2.20279  1.000 8.89486  ? 3   AIB A C    1 
HETATM 82  O O    . AIB A 1 3  ? 2.97977   -2.04206  -2.53719  1.000 9.33607  ? 3   AIB A O    1 
HETATM 83  C CB1  . AIB A 1 3  ? 1.23675   -2.04945  -0.36821  1.000 10.41476 ? 3   AIB A CB1  1 
HETATM 84  C CB2  . AIB A 1 3  ? 2.93214   -3.80683  0.15772   1.000 9.82241  ? 3   AIB A CB2  1 
HETATM 85  H H    . AIB A 1 3  ? 0.80490   -4.95502  -0.11593  0.790 11.02694 ? 3   AIB A H    1 
HETATM 86  H HB11 . AIB A 1 3  ? 2.03645   -1.27387  -0.30176  1.000 12.49771 ? 3   AIB A HB11 1 
HETATM 87  H HB12 . AIB A 1 3  ? 0.45291   -1.70868  -1.08580  1.000 12.49771 ? 3   AIB A HB12 1 
HETATM 88  H HB13 . AIB A 1 3  ? 0.77688   -2.19050  0.63880   1.000 12.49771 ? 3   AIB A HB13 1 
HETATM 89  H HB21 . AIB A 1 3  ? 3.65567   -2.96538  0.28484   1.000 11.78689 ? 3   AIB A HB21 1 
HETATM 90  H HB22 . AIB A 1 3  ? 2.44623   -4.04100  1.13585   1.000 11.78689 ? 3   AIB A HB22 1 
HETATM 91  H HB23 . AIB A 1 3  ? 3.46406   -4.71013  -0.22805  1.000 11.78689 ? 3   AIB A HB23 1 
ATOM   92  N N    . ALA A 1 4  ? 2.74393   -4.21176  -2.97336  1.000 7.65476  ? 4   ALA A N    1 
ATOM   93  C CA   . ALA A 1 4  ? 3.46142   -4.10788  -4.24493  1.000 8.16152  ? 4   ALA A CA   1 
ATOM   94  C C    . ALA A 1 4  ? 2.73210   -3.22992  -5.26282  1.000 7.59939  ? 4   ALA A C    1 
ATOM   95  O O    . ALA A 1 4  ? 3.37424   -2.68778  -6.15861  1.000 8.20553  ? 4   ALA A O    1 
ATOM   96  C CB   . ALA A 1 4  ? 3.72738   -5.47841  -4.83923  1.000 8.90807  ? 4   ALA A CB   1 
ATOM   97  H H    . ALA A 1 4  ? 2.46478   -5.00288  -2.78417  1.000 9.18571  ? 4   ALA A H    1 
ATOM   98  H HA   . ALA A 1 4  ? 4.31429   -3.68648  -4.05537  1.000 9.79383  ? 4   ALA A HA   1 
ATOM   99  H HB1  . ALA A 1 4  ? 4.25284   -5.37534  -5.64804  1.000 10.68968 ? 4   ALA A HB1  1 
ATOM   100 H HB2  . ALA A 1 4  ? 4.21532   -6.01327  -4.19368  1.000 10.68968 ? 4   ALA A HB2  1 
ATOM   101 H HB3  . ALA A 1 4  ? 2.88004   -5.90235  -5.04705  1.000 10.68968 ? 4   ALA A HB3  1 
HETATM 102 N N    . AIB A 1 5  ? 1.41286   -3.10435  -5.12940  1.000 7.70958  ? 5   AIB A N    1 
HETATM 103 C CA   . AIB A 1 5  ? 0.62522   -2.23876  -5.98928  1.000 8.73211  ? 5   AIB A CA   1 
HETATM 104 C C    . AIB A 1 5  ? 1.21248   -0.81338  -6.00387  1.000 8.73819  ? 5   AIB A C    1 
HETATM 105 O O    . AIB A 1 5  ? 1.34862   -0.12706  -7.01730  1.000 8.31272  ? 5   AIB A O    1 
HETATM 106 C CB1  . AIB A 1 5  ? 0.58764   -2.78054  -7.42764  1.000 8.98554  ? 5   AIB A CB1  1 
HETATM 107 C CB2  . AIB A 1 5  ? -0.82144  -2.11599  -5.46029  1.000 9.88200  ? 5   AIB A CB2  1 
HETATM 108 H H    . AIB A 1 5  ? 0.82312   -3.79620  -4.71043  1.000 9.25150  ? 5   AIB A H    1 
HETATM 109 H HB11 . AIB A 1 5  ? 0.03375   -2.06783  -8.08393  1.000 10.78264 ? 5   AIB A HB11 1 
HETATM 110 H HB12 . AIB A 1 5  ? 1.62850   -2.90096  -7.81180  1.000 10.78264 ? 5   AIB A HB12 1 
HETATM 111 H HB13 . AIB A 1 5  ? 0.07308   -3.77070  -7.44356  1.000 10.78264 ? 5   AIB A HB13 1 
HETATM 112 H HB21 . AIB A 1 5  ? -1.39448  -1.42289  -6.12279  1.000 11.85840 ? 5   AIB A HB21 1 
HETATM 113 H HB22 . AIB A 1 5  ? -1.29822  -3.12611  -5.46427  1.000 11.85840 ? 5   AIB A HB22 1 
HETATM 114 H HB23 . AIB A 1 5  ? -0.79609  -1.71205  -4.41920  1.000 11.85840 ? 5   AIB A HB23 1 
ATOM   115 N N    . LEU A 1 6  ? 1.55031   -0.35873  -4.80408  1.000 8.55070  ? 6   LEU A N    1 
ATOM   116 C CA   . LEU A 1 6  ? 2.07478   0.98015   -4.62496  1.000 8.70500  ? 6   LEU A CA   1 
ATOM   117 C C    . LEU A 1 6  ? 3.44829   1.09540   -5.29132  1.000 8.41088  ? 6   LEU A C    1 
ATOM   118 O O    . LEU A 1 6  ? 3.76734   2.10966   -5.91008  1.000 9.17333  ? 6   LEU A O    1 
ATOM   119 C CB   . LEU A 1 6  ? 2.15866   1.29936   -3.12992  1.000 9.58181  ? 6   LEU A CB   1 
ATOM   120 C CG   . LEU A 1 6  ? 2.76737   2.65127   -2.77741  1.000 10.62625 ? 6   LEU A CG   1 
ATOM   121 C CD1  . LEU A 1 6  ? 1.98924   3.82681   -3.36791  1.000 11.26850 ? 6   LEU A CD1  1 
ATOM   122 C CD2  . LEU A 1 6  ? 2.83231   2.77035   -1.27754  1.000 12.37009 ? 6   LEU A CD2  1 
ATOM   123 H H    . LEU A 1 6  ? 1.48355   -0.81153  -4.07599  1.000 10.26083 ? 6   LEU A H    1 
ATOM   124 H HA   . LEU A 1 6  ? 1.49028   1.63677   -5.03497  1.000 10.44600 ? 6   LEU A HA   1 
ATOM   125 H HB2  . LEU A 1 6  ? 1.26007   1.28331   -2.76495  1.000 11.49818 ? 6   LEU A HB2  1 
ATOM   126 H HB3  . LEU A 1 6  ? 2.70201   0.61811   -2.70383  1.000 11.49818 ? 6   LEU A HB3  1 
ATOM   127 H HG   . LEU A 1 6  ? 3.65659   2.70029   -3.16186  1.000 12.75150 ? 6   LEU A HG   1 
ATOM   128 H HD11 . LEU A 1 6  ? 2.40466   4.65566   -3.08271  1.000 13.52221 ? 6   LEU A HD11 1 
ATOM   129 H HD12 . LEU A 1 6  ? 2.00765   3.76348   -4.33566  1.000 13.52221 ? 6   LEU A HD12 1 
ATOM   130 H HD13 . LEU A 1 6  ? 1.07307   3.78997   -3.05138  1.000 13.52221 ? 6   LEU A HD13 1 
ATOM   131 H HD21 . LEU A 1 6  ? 3.21348   3.63156   -1.04532  1.000 14.84411 ? 6   LEU A HD21 1 
ATOM   132 H HD22 . LEU A 1 6  ? 1.93524   2.69730   -0.91581  1.000 14.84411 ? 6   LEU A HD22 1 
ATOM   133 H HD23 . LEU A 1 6  ? 3.38903   2.05710   -0.92792  1.000 14.84411 ? 6   LEU A HD23 1 
ATOM   134 N N    A CYS A 1 7  ? 4.28924   0.07293   -5.12851  0.514 6.96636  ? 7   CYS A N    1 
ATOM   135 N N    B CYS A 1 7  ? 4.24989   0.03718   -5.15605  0.486 9.36267  ? 7   CYS A N    1 
ATOM   136 C CA   A CYS A 1 7  ? 5.59320   0.08311   -5.78776  0.514 7.53112  ? 7   CYS A CA   1 
ATOM   137 C CA   B CYS A 1 7  ? 5.58570   0.01762   -5.74336  0.486 9.43280  ? 7   CYS A CA   1 
ATOM   138 C C    A CYS A 1 7  ? 5.44646   0.21158   -7.29455  0.514 7.06766  ? 7   CYS A C    1 
ATOM   139 C C    B CYS A 1 7  ? 5.52581   0.09572   -7.26990  0.486 8.51134  ? 7   CYS A C    1 
ATOM   140 O O    A CYS A 1 7  ? 6.18080   0.97075   -7.94036  0.514 6.43407  ? 7   CYS A O    1 
ATOM   141 O O    B CYS A 1 7  ? 6.39101   0.71134   -7.90530  0.486 10.54312 ? 7   CYS A O    1 
ATOM   142 C CB   A CYS A 1 7  ? 6.37387   -1.18583  -5.48316  0.514 8.32266  ? 7   CYS A CB   1 
ATOM   143 C CB   B CYS A 1 7  ? 6.32091   -1.24133  -5.28286  0.486 10.81221 ? 7   CYS A CB   1 
ATOM   144 S SG   A CYS A 1 7  ? 6.78229   -1.31577  -3.79123  0.514 10.59001 ? 7   CYS A SG   1 
ATOM   145 S SG   B CYS A 1 7  ? 7.93909   -1.48868  -6.00055  0.486 11.24471 ? 7   CYS A SG   1 
ATOM   146 H H    A CYS A 1 7  ? 4.13202   -0.62485  -4.65104  0.514 8.35964  ? 7   CYS A H    1 
ATOM   147 H H    B CYS A 1 7  ? 4.04350   -0.68047  -4.72945  0.486 11.23521 ? 7   CYS A H    1 
ATOM   148 H HA   A CYS A 1 7  ? 6.08722   0.84186   -5.43971  0.514 9.03734  ? 7   CYS A HA   1 
ATOM   149 H HA   B CYS A 1 7  ? 6.08489   0.79036   -5.43583  0.486 11.31936 ? 7   CYS A HA   1 
ATOM   150 H HB2  A CYS A 1 7  ? 5.83609   -1.95594  -5.72526  0.514 9.98719  ? 7   CYS A HB2  1 
ATOM   151 H HB2  B CYS A 1 7  ? 6.43527   -1.19359  -4.32081  0.486 12.97465 ? 7   CYS A HB2  1 
ATOM   152 H HB3  A CYS A 1 7  ? 7.19805   -1.18270  -5.99464  0.514 9.98719  ? 7   CYS A HB3  1 
ATOM   153 H HB3  B CYS A 1 7  ? 5.78050   -2.01272  -5.51485  0.486 12.97465 ? 7   CYS A HB3  1 
ATOM   154 H HG   A CYS A 1 7  ? 7.63681   -2.14773  -3.65839  0.514 12.70801 ? 7   CYS A HG   1 
ATOM   155 H HG   B CYS A 1 7  ? 7.82964   -1.56831  -7.19289  0.486 13.49365 ? 7   CYS A HG   1 
ATOM   156 N N    . GLN A 1 8  ? 4.52631   -0.53531  -7.87587  1.000 7.51011  ? 8   GLN A N    1 
ATOM   157 C CA   . GLN A 1 8  ? 4.31232   -0.42472  -9.30626  1.000 8.05395  ? 8   GLN A CA   1 
ATOM   158 C C    . GLN A 1 8  ? 3.91933   1.00007   -9.68511  1.000 7.75589  ? 8   GLN A C    1 
ATOM   159 O O    . GLN A 1 8  ? 4.50117   1.60140   -10.59685 1.000 8.07639  ? 8   GLN A O    1 
ATOM   160 C CB   . GLN A 1 8  ? 3.22838   -1.40102  -9.74133  1.000 7.80933  ? 8   GLN A CB   1 
ATOM   161 C CG   . GLN A 1 8  ? 2.97492   -1.41069  -11.23048 1.000 7.91112  ? 8   GLN A CG   1 
ATOM   162 C CD   . GLN A 1 8  ? 1.88773   -2.36838  -11.60587 1.000 7.69802  ? 8   GLN A CD   1 
ATOM   163 O OE1  . GLN A 1 8  ? 1.21438   -2.91933  -10.73741 1.000 8.58526  ? 8   GLN A OE1  1 
ATOM   164 N NE2  . GLN A 1 8  ? 1.71242   -2.59743  -12.90546 1.000 7.38820  ? 8   GLN A NE2  1 
ATOM   165 H H    . GLN A 1 8  ? 4.02211   -1.10310  -7.47215  0.558 9.01213  ? 8   GLN A H    1 
ATOM   166 H HA   . GLN A 1 8  ? 5.13112   -0.64464  -9.77754  1.000 9.66474  ? 8   GLN A HA   1 
ATOM   167 H HB2  . GLN A 1 8  ? 3.49378   -2.29693  -9.48095  1.000 9.37119  ? 8   GLN A HB2  1 
ATOM   168 H HB3  . GLN A 1 8  ? 2.39793   -1.16009  -9.30180  1.000 9.37119  ? 8   GLN A HB3  1 
ATOM   169 H HG2  . GLN A 1 8  ? 2.70845   -0.52241  -11.51482 1.000 9.49335  ? 8   GLN A HG2  1 
ATOM   170 H HG3  . GLN A 1 8  ? 3.78619   -1.67694  -11.69076 1.000 9.49335  ? 8   GLN A HG3  1 
ATOM   171 H HE21 . GLN A 1 8  ? 2.21231   -2.20226  -13.48301 1.000 8.86584  ? 8   GLN A HE21 1 
ATOM   172 H HE22 . GLN A 1 8  ? 1.09928   -3.14056  -13.16749 1.000 8.86584  ? 8   GLN A HE22 1 
HETATM 173 N N    . AIB A 1 9  ? 2.92713   1.54126   -8.97913  1.000 7.60364  ? 9   AIB A N    1 
HETATM 174 C CA   . AIB A 1 9  ? 2.41620   2.86720   -9.26920  1.000 8.64134  ? 9   AIB A CA   1 
HETATM 175 C C    . AIB A 1 9  ? 3.53128   3.94498   -9.29496  1.000 8.25340  ? 9   AIB A C    1 
HETATM 176 O O    . AIB A 1 9  ? 3.57946   4.83139   -10.15864 1.000 8.88490  ? 9   AIB A O    1 
HETATM 177 C CB1  . AIB A 1 9  ? 1.67262   2.89347   -10.62916 1.000 9.77591  ? 9   AIB A CB1  1 
HETATM 178 C CB2  . AIB A 1 9  ? 1.44186   3.29845   -8.16835  1.000 9.79609  ? 9   AIB A CB2  1 
HETATM 179 H H    . AIB A 1 9  ? 2.69518   1.27946   -8.04123  1.000 9.12437  ? 9   AIB A H    1 
HETATM 180 H HB11 . AIB A 1 9  ? 1.21491   3.89873   -10.78851 1.000 11.73110 ? 9   AIB A HB11 1 
HETATM 181 H HB12 . AIB A 1 9  ? 2.39210   2.68197   -11.45565 1.000 11.73110 ? 9   AIB A HB12 1 
HETATM 182 H HB13 . AIB A 1 9  ? 0.86927   2.11884   -10.63391 1.000 11.73110 ? 9   AIB A HB13 1 
HETATM 183 H HB21 . AIB A 1 9  ? 1.01497   4.29702   -8.42970  1.000 11.75530 ? 9   AIB A HB21 1 
HETATM 184 H HB22 . AIB A 1 9  ? 0.62223   2.54357   -8.09044  1.000 11.75530 ? 9   AIB A HB22 1 
HETATM 185 H HB23 . AIB A 1 9  ? 1.99243   3.36275   -7.19860  1.000 11.75530 ? 9   AIB A HB23 1 
ATOM   186 N N    . LEU A 1 10 ? 4.44519   3.83146   -8.32228  1.000 6.85690  ? 10  LEU A N    1 
ATOM   187 C CA   . LEU A 1 10 ? 5.51360   4.80046   -8.12205  1.000 6.49212  ? 10  LEU A CA   1 
ATOM   188 C C    . LEU A 1 10 ? 6.67737   4.59913   -9.05217  1.000 6.62985  ? 10  LEU A C    1 
ATOM   189 O O    . LEU A 1 10 ? 7.63327   5.35421   -9.05968  1.000 7.82559  ? 10  LEU A O    1 
ATOM   190 C CB   . LEU A 1 10 ? 6.03563   4.71106   -6.68784  1.000 6.83552  ? 10  LEU A CB   1 
ATOM   191 C CG   . LEU A 1 10 ? 5.08257   5.16330   -5.59793  1.000 7.06818  ? 10  LEU A CG   1 
ATOM   192 C CD1  . LEU A 1 10 ? 5.61099   4.84090   -4.21140  1.000 7.85557  ? 10  LEU A CD1  1 
ATOM   193 C CD2  . LEU A 1 10 ? 4.80348   6.66082   -5.72393  1.000 8.24563  ? 10  LEU A CD2  1 
ATOM   194 H H    . LEU A 1 10 ? 4.46293   3.18490   -7.75548  1.000 8.22828  ? 10  LEU A H    1 
ATOM   195 H HA   . LEU A 1 10 ? 5.14105   5.67861   -8.29802  1.000 7.79054  ? 10  LEU A HA   1 
ATOM   196 H HB2  . LEU A 1 10 ? 6.25983   3.78505   -6.50581  1.000 8.20263  ? 10  LEU A HB2  1 
ATOM   197 H HB3  . LEU A 1 10 ? 6.82979   5.26399   -6.62108  1.000 8.20263  ? 10  LEU A HB3  1 
ATOM   198 H HG   . LEU A 1 10 ? 4.24978   4.67806   -5.70703  1.000 8.48182  ? 10  LEU A HG   1 
ATOM   199 H HD11 . LEU A 1 10 ? 4.91896   5.02867   -3.55814  1.000 9.42668  ? 10  LEU A HD11 1 
ATOM   200 H HD12 . LEU A 1 10 ? 5.85326   3.90230   -4.17612  1.000 9.42668  ? 10  LEU A HD12 1 
ATOM   201 H HD13 . LEU A 1 10 ? 6.39046   5.39057   -4.03480  1.000 9.42668  ? 10  LEU A HD13 1 
ATOM   202 H HD21 . LEU A 1 10 ? 4.23403   6.93881   -4.98953  1.000 9.89476  ? 10  LEU A HD21 1 
ATOM   203 H HD22 . LEU A 1 10 ? 5.64467   7.14269   -5.69098  1.000 9.89476  ? 10  LEU A HD22 1 
ATOM   204 H HD23 . LEU A 1 10 ? 4.35875   6.82913   -6.56938  1.000 9.89476  ? 10  LEU A HD23 1 
HETATM 205 C C11  . I77 A 1 11 ? 9.47893   4.18337   -13.73824 1.000 6.75986  ? 11  I77 A C11  1 
HETATM 206 C C12  . I77 A 1 11 ? 8.94401   3.34318   -12.78699 1.000 6.67820  ? 11  I77 A C12  1 
HETATM 207 C C13  . I77 A 1 11 ? 7.80183   3.82983   -11.92944 1.000 6.64423  ? 11  I77 A C13  1 
HETATM 208 C C17  . I77 A 1 11 ? 9.46212   2.04937   -12.64391 1.000 7.14914  ? 11  I77 A C17  1 
HETATM 209 C C18  . I77 A 1 11 ? 10.48280  1.61943   -13.45797 1.000 6.75203  ? 11  I77 A C18  1 
HETATM 210 C C02  . I77 A 1 11 ? 15.40776  0.91288   -17.57951 1.000 8.40562  ? 11  I77 A C02  1 
HETATM 211 C C03  . I77 A 1 11 ? 14.20982  1.32225   -16.74223 1.000 8.38990  ? 11  I77 A C03  1 
HETATM 212 C C04  . I77 A 1 11 ? 13.61142  2.53751   -17.00398 1.000 8.68796  ? 11  I77 A C04  1 
HETATM 213 C C05  . I77 A 1 11 ? 12.53543  2.89544   -16.22617 1.000 7.44042  ? 11  I77 A C05  1 
HETATM 214 C C06  . I77 A 1 11 ? 13.75266  0.49511   -15.73684 1.000 8.76182  ? 11  I77 A C06  1 
HETATM 215 C C08  . I77 A 1 11 ? 12.11994  2.04569   -15.23673 1.000 7.29197  ? 11  I77 A C08  1 
HETATM 216 C C09  . I77 A 1 11 ? 10.96626  2.50905   -14.39374 1.000 6.72638  ? 11  I77 A C09  1 
HETATM 217 N N01  . I77 A 1 11 ? 16.01398  -0.31499  -17.23599 1.000 8.64066  ? 11  I77 A N01  1 
HETATM 218 N N07  . I77 A 1 11 ? 12.71520  0.88034   -15.00651 1.000 8.95890  ? 11  I77 A N07  1 
HETATM 219 N N10  . I77 A 1 11 ? 10.47120  3.74858   -14.51775 1.000 7.76338  ? 11  I77 A N10  1 
HETATM 220 N N14  . I77 A 1 11 ? 7.67720   3.13196   -10.70111 1.000 6.51048  ? 11  I77 A N14  1 
HETATM 221 N N15  . I77 A 1 11 ? 6.64107   3.44603   -9.86881  1.000 6.40673  ? 11  I77 A N15  1 
HETATM 222 O O16  . I77 A 1 11 ? 7.04770   4.70108   -12.27008 1.000 8.08159  ? 11  I77 A O16  1 
HETATM 223 O O19  . I77 A 1 11 ? 15.81106  1.57384   -18.48014 1.000 10.20498 ? 11  I77 A O19  1 
HETATM 224 H H111 . I77 A 1 11 ? 9.09836   5.18653   -13.85259 1.000 8.11183  ? 11  I77 A H111 1 
HETATM 225 H H171 . I77 A 1 11 ? 9.05460   1.38173   -11.88479 1.000 8.57897  ? 11  I77 A H171 1 
HETATM 226 H H181 . I77 A 1 11 ? 10.89336  0.61595   -13.36745 1.000 8.10244  ? 11  I77 A H181 1 
HETATM 227 H H041 . I77 A 1 11 ? 13.97237  3.17955   -17.78563 1.000 10.42555 ? 11  I77 A H041 1 
HETATM 228 H H051 . I77 A 1 11 ? 12.02432  3.83544   -16.39373 1.000 8.92850  ? 11  I77 A H051 1 
HETATM 229 H H061 . I77 A 1 11 ? 14.23383  -0.45414  -15.54718 1.000 10.51418 ? 11  I77 A H061 1 
HETATM 230 H H011 . I77 A 1 11 ? 15.67277  -0.86880  -16.48375 1.000 10.36879 ? 11  I77 A H011 1 
HETATM 231 H H012 . I77 A 1 11 ? 16.81236  -0.63119  -17.76292 1.000 10.36879 ? 11  I77 A H012 1 
HETATM 232 H H141 . I77 A 1 11 ? 8.33973   2.41871   -10.44737 1.000 7.81257  ? 11  I77 A H141 1 
HETATM 233 H H1   . I77 A 1 11 ? 6.23745   2.59055   -9.53325  1.000 7.68807  ? 11  I77 A H1   1 
HETATM 234 C C05  A I6W B 1 1  ? -6.04196  0.74053   14.77683  0.497 16.04965 ? 1   I6W B C05  1 
HETATM 235 C C05  B I6W B 1 1  ? -6.42707  0.53155   15.31314  0.503 12.96156 ? 1   I6W B C05  1 
HETATM 236 C C08  A I6W B 1 1  ? -6.37410  -0.20939  15.68732  0.497 15.19096 ? 1   I6W B C08  1 
HETATM 237 C C08  B I6W B 1 1  ? -6.66913  -0.42111  16.24822  0.503 14.32223 ? 1   I6W B C08  1 
HETATM 238 C C09  A I6W B 1 1  ? -7.34468  0.17868   16.78644  0.497 15.23695 ? 1   I6W B C09  1 
HETATM 239 C C09  B I6W B 1 1  ? -7.60049  -0.10619  17.41009  0.503 19.56112 ? 1   I6W B C09  1 
HETATM 240 N N10  A I6W B 1 1  ? -7.80737  1.41055   16.80517  0.497 17.21071 ? 1   I6W B N10  1 
HETATM 241 N N10  B I6W B 1 1  ? -8.17119  1.07299   17.49117  0.503 20.98970 ? 1   I6W B N10  1 
HETATM 242 C C02  A I6W B 1 1  ? -3.54733  -1.12609  12.66473  0.497 14.65659 ? 1   I6W B C02  1 
HETATM 243 C C02  B I6W B 1 1  ? -3.92518  -1.27078  13.11459  0.503 11.78065 ? 1   I6W B C02  1 
HETATM 244 C C03  A I6W B 1 1  ? -4.55923  -0.81872  13.77605  0.497 15.58937 ? 1   I6W B C03  1 
HETATM 245 C C03  B I6W B 1 1  ? -4.91068  -0.97521  14.25129  0.503 11.14306 ? 1   I6W B C03  1 
HETATM 246 C C04  A I6W B 1 1  ? -5.11894  0.43894   13.77401  0.497 16.35232 ? 1   I6W B C04  1 
HETATM 247 C C04  B I6W B 1 1  ? -5.52948  0.25998   14.27413  0.503 10.61321 ? 1   I6W B C04  1 
HETATM 248 C C06  A I6W B 1 1  ? -4.91251  -1.74087  14.74317  0.497 15.65701 ? 1   I6W B C06  1 
HETATM 249 C C06  B I6W B 1 1  ? -5.17404  -1.90011  15.23178  0.503 10.98760 ? 1   I6W B C06  1 
HETATM 250 C C11  A I6W B 1 1  ? -8.61173  1.83153   17.75467  0.497 18.19641 ? 1   I6W B C11  1 
HETATM 251 C C11  B I6W B 1 1  ? -8.95069  1.41158   18.49806  0.503 20.97915 ? 1   I6W B C11  1 
HETATM 252 C C12  A I6W B 1 1  ? -8.98790  0.98236   18.78124  0.497 18.33166 ? 1   I6W B C12  1 
HETATM 253 C C12  B I6W B 1 1  ? -9.18035  0.52055   19.53271  0.503 22.91445 ? 1   I6W B C12  1 
HETATM 254 C C13  A I6W B 1 1  ? -9.92999  1.50113   19.90965  0.497 19.26435 ? 1   I6W B C13  1 
HETATM 255 C C13  B I6W B 1 1  ? -10.10177 0.91909   20.72875  0.503 25.47101 ? 1   I6W B C13  1 
HETATM 256 C C15  A I6W B 1 1  ? -10.06426 0.65351   22.11955  0.497 24.51400 ? 1   I6W B C15  1 
HETATM 257 C C15  B I6W B 1 1  ? -10.26210 -0.10183  22.87148  0.503 31.25541 ? 1   I6W B C15  1 
HETATM 258 C C16  A I6W B 1 1  ? -10.20370 -0.74067  22.77768  0.497 26.10334 ? 1   I6W B C16  1 
HETATM 259 C C16  B I6W B 1 1  ? -10.47347 -1.51459  23.47534  0.503 33.03993 ? 1   I6W B C16  1 
HETATM 260 C C18  A I6W B 1 1  ? -8.50789  -0.30481  18.81371  0.497 18.28570 ? 1   I6W B C18  1 
HETATM 261 C C18  B I6W B 1 1  ? -8.58563  -0.71580  19.49976  0.503 22.98581 ? 1   I6W B C18  1 
HETATM 262 C C19  A I6W B 1 1  ? -7.64926  -0.71594  17.79062  0.497 16.61708 ? 1   I6W B C19  1 
HETATM 263 C C19  B I6W B 1 1  ? -7.76312  -1.03061  18.41668  0.503 21.72615 ? 1   I6W B C19  1 
HETATM 264 N N07  A I6W B 1 1  ? -5.79124  -1.40774  15.67736  0.497 17.17162 ? 1   I6W B N07  1 
HETATM 265 N N07  B I6W B 1 1  ? -6.02696  -1.59105  16.20185  0.503 12.53800 ? 1   I6W B N07  1 
HETATM 266 O O01  A I6W B 1 1  ? -3.18993  -0.24508  11.92795  0.497 16.18701 ? 1   I6W B O01  1 
HETATM 267 O O01  B I6W B 1 1  ? -3.92075  -0.51924  12.16438  0.503 11.26322 ? 1   I6W B O01  1 
HETATM 268 O O14  A I6W B 1 1  ? -10.58212 0.58127   20.78123  0.497 22.27618 ? 1   I6W B O14  1 
HETATM 269 O O14  B I6W B 1 1  ? -10.72847 -0.09114  21.51271  0.503 29.07592 ? 1   I6W B O14  1 
HETATM 270 O O17  A I6W B 1 1  ? -10.05385 2.66293   20.05751  0.497 19.89525 ? 1   I6W B O17  1 
HETATM 271 O O17  B I6W B 1 1  ? -10.26455 2.05202   20.99123  0.503 25.38184 ? 1   I6W B O17  1 
HETATM 272 H H051 A I6W B 1 1  ? -6.48371  1.71157   14.82747  0.497 19.25958 ? 1   I6W B H051 1 
HETATM 273 H H051 B I6W B 1 1  ? -6.91666  1.47904   15.36959  0.503 15.55387 ? 1   I6W B H051 1 
HETATM 274 H H041 A I6W B 1 1  ? -4.84277  1.19388   12.99415  0.497 19.62278 ? 1   I6W B H041 1 
HETATM 275 H H041 B I6W B 1 1  ? -5.31800  1.02306   13.48205  0.503 12.73585 ? 1   I6W B H041 1 
HETATM 276 H H061 A I6W B 1 1  ? -4.47180  -2.73342  14.73706  0.497 18.78841 ? 1   I6W B H061 1 
HETATM 277 H H061 B I6W B 1 1  ? -4.69049  -2.87235  15.21372  0.503 13.18512 ? 1   I6W B H061 1 
HETATM 278 H H111 A I6W B 1 1  ? -8.97664  2.83186   17.73472  0.497 21.83570 ? 1   I6W B H111 1 
HETATM 279 H H111 B I6W B 1 1  ? -9.40592  2.37421   18.51634  0.503 25.17498 ? 1   I6W B H111 1 
HETATM 280 H H152 A I6W B 1 1  ? -9.02023  0.94003   22.09123  0.497 29.41680 ? 1   I6W B H152 1 
HETATM 281 H H152 B I6W B 1 1  ? -9.20801  0.14579   22.89325  0.503 37.50649 ? 1   I6W B H152 1 
HETATM 282 H H151 A I6W B 1 1  ? -10.62693 1.38290   22.68902  0.497 29.41680 ? 1   I6W B H151 1 
HETATM 283 H H151 B I6W B 1 1  ? -10.81909 0.62480   23.44998  0.503 37.50649 ? 1   I6W B H151 1 
HETATM 284 H H162 A I6W B 1 1  ? -11.26340 -0.92031  23.03844  0.497 31.32400 ? 1   I6W B H162 1 
HETATM 285 H H162 B I6W B 1 1  ? -11.55447 -1.69167  23.62806  0.503 39.64791 ? 1   I6W B H162 1 
HETATM 286 H H163 A I6W B 1 1  ? -9.58634  -0.77831  23.69457  0.497 31.32400 ? 1   I6W B H163 1 
HETATM 287 H H163 B I6W B 1 1  ? -9.94746  -1.58253  24.44588  0.503 39.64791 ? 1   I6W B H163 1 
HETATM 288 H H161 A I6W B 1 1  ? -9.86082  -1.51796  22.06952  0.497 31.32400 ? 1   I6W B H161 1 
HETATM 289 H H161 B I6W B 1 1  ? -10.06898 -2.27552  22.78208  0.503 39.64791 ? 1   I6W B H161 1 
HETATM 290 H H181 A I6W B 1 1  ? -8.78868  -0.98772  19.61550  0.497 21.94284 ? 1   I6W B H181 1 
HETATM 291 H H181 B I6W B 1 1  ? -8.75106  -1.43644  20.30064  0.503 27.58297 ? 1   I6W B H181 1 
HETATM 292 H H191 A I6W B 1 1  ? -7.23027  -1.72003  17.78660  0.497 19.94049 ? 1   I6W B H191 1 
HETATM 293 H H191 B I6W B 1 1  ? -7.25789  -1.99302  18.36904  0.503 26.07138 ? 1   I6W B H191 1 
ATOM   294 N N    . LEU B 1 2  ? -3.01468  -2.37379  13.10707  1.000 14.56882 ? 2   LEU B N    1 
ATOM   295 C CA   . LEU B 1 2  ? -1.98959  -2.55268  12.08894  1.000 16.04728 ? 2   LEU B CA   1 
ATOM   296 C C    . LEU B 1 2  ? -2.49921  -2.50165  10.63368  1.000 17.65676 ? 2   LEU B C    1 
ATOM   297 O O    . LEU B 1 2  ? -1.84240  -1.91696  9.77078   1.000 19.23249 ? 2   LEU B O    1 
ATOM   298 C CB   . LEU B 1 2  ? -1.25905  -3.86120  12.35771  1.000 16.05682 ? 2   LEU B CB   1 
ATOM   299 C CG   . LEU B 1 2  ? 0.16168   -3.94416  11.83765  1.000 16.53793 ? 2   LEU B CG   1 
ATOM   300 C CD1  . LEU B 1 2  ? 1.05746   -2.77904  12.26330  1.000 16.76667 ? 2   LEU B CD1  1 
ATOM   301 C CD2  . LEU B 1 2  ? 0.72398   -5.25701  12.32733  1.000 17.40555 ? 2   LEU B CD2  1 
ATOM   302 H HA   . LEU B 1 2  ? -1.37723  -1.80297  12.15084  1.000 19.25674 ? 2   LEU B HA   1 
ATOM   303 H HB2  . LEU B 1 2  ? -1.22243  -3.99603  13.31760  1.000 19.26818 ? 2   LEU B HB2  1 
ATOM   304 H HB3  . LEU B 1 2  ? -1.76049  -4.57925  11.94074  1.000 19.26818 ? 2   LEU B HB3  1 
ATOM   305 H HG   . LEU B 1 2  ? 0.15080   -3.89034  10.86921  1.000 19.84552 ? 2   LEU B HG   1 
ATOM   306 H HD11 . LEU B 1 2  ? 1.98580   -3.03821  12.15421  1.000 20.12000 ? 2   LEU B HD11 1 
ATOM   307 H HD12 . LEU B 1 2  ? 0.86110   -2.00977  11.70601  1.000 20.12000 ? 2   LEU B HD12 1 
ATOM   308 H HD13 . LEU B 1 2  ? 0.88011   -2.56772  13.19325  1.000 20.12000 ? 2   LEU B HD13 1 
ATOM   309 H HD21 . LEU B 1 2  ? 1.60675   -5.38433  11.94602  1.000 20.88666 ? 2   LEU B HD21 1 
ATOM   310 H HD22 . LEU B 1 2  ? 0.78193   -5.23431  13.29533  1.000 20.88666 ? 2   LEU B HD22 1 
ATOM   311 H HD23 . LEU B 1 2  ? 0.13611   -5.97620  12.04792  1.000 20.88666 ? 2   LEU B HD23 1 
HETATM 312 N N    . AIB B 1 3  ? -3.66192  -3.10351  10.37555  1.000 15.67293 ? 3   AIB B N    1 
HETATM 313 C CA   . AIB B 1 3  ? -4.30796  -3.07084  9.06502   1.000 16.17709 ? 3   AIB B CA   1 
HETATM 314 C C    . AIB B 1 3  ? -4.37462  -1.67238  8.40399   1.000 14.20350 ? 3   AIB B C    1 
HETATM 315 O O    . AIB B 1 3  ? -4.32158  -1.45833  7.18441   1.000 15.47453 ? 3   AIB B O    1 
HETATM 316 C CB1  . AIB B 1 3  ? -3.62743  -4.03048  8.06724   1.000 18.27995 ? 3   AIB B CB1  1 
HETATM 317 C CB2  . AIB B 1 3  ? -5.78779  -3.49804  9.19422   1.000 14.61430 ? 3   AIB B CB2  1 
HETATM 318 H H    . AIB B 1 3  ? -4.01108  -3.88384  10.89630  1.000 18.80751 ? 3   AIB B H    1 
HETATM 319 H HB11 . AIB B 1 3  ? -4.15715  -3.99068  7.08578   1.000 21.93594 ? 3   AIB B HB11 1 
HETATM 320 H HB12 . AIB B 1 3  ? -2.56244  -3.72991  7.92261   1.000 21.93594 ? 3   AIB B HB12 1 
HETATM 321 H HB13 . AIB B 1 3  ? -3.66456  -5.07330  8.46297   1.000 21.93594 ? 3   AIB B HB13 1 
HETATM 322 H HB21 . AIB B 1 3  ? -6.08660  -4.06026  8.27644   1.000 17.53716 ? 3   AIB B HB21 1 
HETATM 323 H HB22 . AIB B 1 3  ? -5.90185  -4.15074  10.09347  1.000 17.53716 ? 3   AIB B HB22 1 
HETATM 324 H HB23 . AIB B 1 3  ? -6.42260  -2.58556  9.30420   1.000 17.53716 ? 3   AIB B HB23 1 
ATOM   325 N N    . ALA B 1 4  ? -4.50958  -0.67401  9.26465   1.000 12.76175 ? 4   ALA B N    1 
ATOM   326 C CA   . ALA B 1 4  ? -4.65301  0.69219   8.80132   1.000 12.49675 ? 4   ALA B CA   1 
ATOM   327 C C    . ALA B 1 4  ? -3.39575  1.21978   8.09668   1.000 11.76355 ? 4   ALA B C    1 
ATOM   328 O O    . ALA B 1 4  ? -3.49595  2.05063   7.20318   1.000 12.48995 ? 4   ALA B O    1 
ATOM   329 C CB   . ALA B 1 4  ? -5.05364  1.58709   9.95220   1.000 13.53705 ? 4   ALA B CB   1 
ATOM   330 H H    . ALA B 1 4  ? -4.52087  -0.76394  10.11987  1.000 15.31410 ? 4   ALA B H    1 
ATOM   331 H HA   . ALA B 1 4  ? -5.35823  0.71383   8.13567   1.000 14.99610 ? 4   ALA B HA   1 
ATOM   332 H HB1  . ALA B 1 4  ? -4.82330  2.50383   9.73443   1.000 16.24446 ? 4   ALA B HB1  1 
ATOM   333 H HB2  . ALA B 1 4  ? -6.01031  1.51097   10.09324  1.000 16.24446 ? 4   ALA B HB2  1 
ATOM   334 H HB3  . ALA B 1 4  ? -4.57836  1.30722   10.75013  1.000 16.24446 ? 4   ALA B HB3  1 
HETATM 335 N N    . AIB B 1 5  ? -2.22302  0.74274   8.49287   1.000 11.19962 ? 5   AIB B N    1 
HETATM 336 C CA   . AIB B 1 5  ? -0.98894  1.05050   7.80850   1.000 11.62439 ? 5   AIB B CA   1 
HETATM 337 C C    . AIB B 1 5  ? -1.11089  0.77067   6.30423   1.000 9.77328  ? 5   AIB B C    1 
HETATM 338 O O    . AIB B 1 5  ? -0.71624  1.51788   5.41292   1.000 10.91715 ? 5   AIB B O    1 
HETATM 339 C CB1  . AIB B 1 5  ? -0.55527  2.51263   7.98840   1.000 13.05605 ? 5   AIB B CB1  1 
HETATM 340 C CB2  . AIB B 1 5  ? 0.13969   0.15128   8.34276   1.000 11.68843 ? 5   AIB B CB2  1 
HETATM 341 H H    . AIB B 1 5  ? -2.02628  0.44727   9.42882   1.000 13.43954 ? 5   AIB B H    1 
HETATM 342 H HB11 . AIB B 1 5  ? 0.22082   2.77116   7.22926   1.000 15.66726 ? 5   AIB B HB11 1 
HETATM 343 H HB12 . AIB B 1 5  ? -1.43607  3.18531   7.85740   1.000 15.66726 ? 5   AIB B HB12 1 
HETATM 344 H HB13 . AIB B 1 5  ? -0.13170  2.65651   9.01082   1.000 15.66726 ? 5   AIB B HB13 1 
HETATM 345 H HB21 . AIB B 1 5  ? 1.10440   0.45697   7.86993   1.000 14.02612 ? 5   AIB B HB21 1 
HETATM 346 H HB22 . AIB B 1 5  ? 0.20600   0.26909   9.45154   1.000 14.02612 ? 5   AIB B HB22 1 
HETATM 347 H HB23 . AIB B 1 5  ? -0.08873  -0.91173  8.08673   1.000 14.02612 ? 5   AIB B HB23 1 
ATOM   348 N N    . LEU B 1 6  ? -1.69802  -0.38568  6.02607   1.000 9.50710  ? 6   LEU B N    1 
ATOM   349 C CA   . LEU B 1 6  ? -1.86714  -0.86254  4.66685   1.000 9.35888  ? 6   LEU B CA   1 
ATOM   350 C C    . LEU B 1 6  ? -2.90282  -0.01659  3.94024   1.000 9.21422  ? 6   LEU B C    1 
ATOM   351 O O    . LEU B 1 6  ? -2.71202  0.35947   2.78511   1.000 9.80031  ? 6   LEU B O    1 
ATOM   352 C CB   . LEU B 1 6  ? -2.28610  -2.32280  4.68422   1.000 9.23439  ? 6   LEU B CB   1 
ATOM   353 C CG   . LEU B 1 6  ? -2.53672  -2.98942  3.33401   1.000 10.44837 ? 6   LEU B CG   1 
ATOM   354 C CD1  . LEU B 1 6  ? -1.29481  -2.94892  2.45423   1.000 10.91168 ? 6   LEU B CD1  1 
ATOM   355 C CD2  . LEU B 1 6  ? -2.99711  -4.43244  3.54372   1.000 11.17685 ? 6   LEU B CD2  1 
ATOM   356 H H    . LEU B 1 6  ? -2.01250  -0.92142  6.62079   1.000 11.40851 ? 6   LEU B H    1 
ATOM   357 H HA   . LEU B 1 6  ? -1.03037  -0.79706  4.18061   1.000 11.23065 ? 6   LEU B HA   1 
ATOM   358 H HB2  . LEU B 1 6  ? -1.58493  -2.82902  5.12353   1.000 11.08126 ? 6   LEU B HB2  1 
ATOM   359 H HB3  . LEU B 1 6  ? -3.11090  -2.39041  5.19022   1.000 11.08126 ? 6   LEU B HB3  1 
ATOM   360 H HG   . LEU B 1 6  ? -3.23458  -2.50133  2.86965   1.000 12.53805 ? 6   LEU B HG   1 
ATOM   361 H HD11 . LEU B 1 6  ? -1.48510  -3.40254  1.61822   1.000 13.09401 ? 6   LEU B HD11 1 
ATOM   362 H HD12 . LEU B 1 6  ? -1.05953  -2.02369  2.28243   1.000 13.09401 ? 6   LEU B HD12 1 
ATOM   363 H HD13 . LEU B 1 6  ? -0.56699  -3.39531  2.91457   1.000 13.09401 ? 6   LEU B HD13 1 
ATOM   364 H HD21 . LEU B 1 6  ? -3.24251  -4.81343  2.68609   1.000 13.41222 ? 6   LEU B HD21 1 
ATOM   365 H HD22 . LEU B 1 6  ? -2.27089  -4.94174  3.93628   1.000 13.41222 ? 6   LEU B HD22 1 
ATOM   366 H HD23 . LEU B 1 6  ? -3.76319  -4.43620  4.13871   1.000 13.41222 ? 6   LEU B HD23 1 
ATOM   367 N N    A CYS B 1 7  ? -4.00771  0.27389   4.63878   0.642 9.26058  ? 7   CYS B N    1 
ATOM   368 N N    B CYS B 1 7  ? -4.01891  0.28339   4.60475   0.358 9.06367  ? 7   CYS B N    1 
ATOM   369 C CA   A CYS B 1 7  ? -5.04632  1.14067   4.08364   0.642 9.35570  ? 7   CYS B CA   1 
ATOM   370 C CA   B CYS B 1 7  ? -5.01263  1.15823   3.98844   0.358 9.18852  ? 7   CYS B CA   1 
ATOM   371 C C    A CYS B 1 7  ? -4.47903  2.49880   3.68082   0.642 8.72135  ? 7   CYS B C    1 
ATOM   372 C C    B CYS B 1 7  ? -4.41389  2.50629   3.62816   0.358 7.89679  ? 7   CYS B C    1 
ATOM   373 O O    A CYS B 1 7  ? -4.80631  3.02938   2.61323   0.642 10.89605 ? 7   CYS B O    1 
ATOM   374 O O    B CYS B 1 7  ? -4.64615  3.03092   2.53432   0.358 7.18607  ? 7   CYS B O    1 
ATOM   375 C CB   A CYS B 1 7  ? -6.17027  1.32587   5.10970   0.642 11.03338 ? 7   CYS B CB   1 
ATOM   376 C CB   B CYS B 1 7  ? -6.18769  1.34765   4.93275   0.358 11.41619 ? 7   CYS B CB   1 
ATOM   377 S SG   A CYS B 1 7  ? -7.45825  2.53276   4.68285   0.642 14.12258 ? 7   CYS B SG   1 
ATOM   378 S SG   B CYS B 1 7  ? -6.96481  -0.21686  5.23250   0.358 13.71165 ? 7   CYS B SG   1 
ATOM   379 H H    A CYS B 1 7  ? -4.17692  -0.01697  5.43020   0.642 11.11270 ? 7   CYS B H    1 
ATOM   380 H H    B CYS B 1 7  ? -4.21925  0.00117   5.39204   0.358 10.87641 ? 7   CYS B H    1 
ATOM   381 H HA   A CYS B 1 7  ? -5.41440  0.71788   3.29201   0.642 11.22684 ? 7   CYS B HA   1 
ATOM   382 H HA   B CYS B 1 7  ? -5.33289  0.74003   3.17392   0.358 11.02622 ? 7   CYS B HA   1 
ATOM   383 H HB2  A CYS B 1 7  ? -6.61046  0.47033   5.23290   0.642 13.24005 ? 7   CYS B HB2  1 
ATOM   384 H HB2  B CYS B 1 7  ? -5.87520  1.70985   5.77659   0.358 13.69943 ? 7   CYS B HB2  1 
ATOM   385 H HB3  A CYS B 1 7  ? -5.77170  1.61718   5.94468   0.642 13.24005 ? 7   CYS B HB3  1 
ATOM   386 H HB3  B CYS B 1 7  ? -6.83577  1.94879   4.53336   0.358 13.69943 ? 7   CYS B HB3  1 
ATOM   387 H HG   A CYS B 1 7  ? -8.23591  2.61269   5.59327   0.642 16.94709 ? 7   CYS B HG   1 
ATOM   388 H HG   B CYS B 1 7  ? -6.15668  -0.97155  5.69875   0.358 16.45398 ? 7   CYS B HG   1 
ATOM   389 N N    . GLN B 1 8  ? -3.62971  3.07802   4.52136   1.000 7.80341  ? 8   GLN B N    1 
ATOM   390 C CA   . GLN B 1 8  ? -3.00049  4.34446   4.21535   1.000 7.95401  ? 8   GLN B CA   1 
ATOM   391 C C    . GLN B 1 8  ? -2.09444  4.19260   2.98756   1.000 7.36338  ? 8   GLN B C    1 
ATOM   392 O O    . GLN B 1 8  ? -2.13339  5.02109   2.08097   1.000 7.87292  ? 8   GLN B O    1 
ATOM   393 C CB   . GLN B 1 8  ? -2.19789  4.81107   5.41033   1.000 9.17511  ? 8   GLN B CB   1 
ATOM   394 C CG   . GLN B 1 8  ? -1.39243  6.03671   5.15840   1.000 10.68268 ? 8   GLN B CG   1 
ATOM   395 C CD   . GLN B 1 8  ? -0.69241  6.52546   6.38666   1.000 12.11465 ? 8   GLN B CD   1 
ATOM   396 O OE1  . GLN B 1 8  ? -0.72435  5.87647   7.43171   1.000 15.45775 ? 8   GLN B OE1  1 
ATOM   397 N NE2  . GLN B 1 8  ? -0.03930  7.65987   6.27871   1.000 13.28148 ? 8   GLN B NE2  1 
ATOM   398 H H    . GLN B 1 8  ? -3.40211  2.74971   5.28295   0.644 9.36409  ? 8   GLN B H    1 
ATOM   399 H HA   . GLN B 1 8  ? -3.66942  5.01876   4.01852   1.000 9.54482  ? 8   GLN B HA   1 
ATOM   400 H HB2  . GLN B 1 8  ? -2.80875  5.00413   6.13867   1.000 11.01014 ? 8   GLN B HB2  1 
ATOM   401 H HB3  . GLN B 1 8  ? -1.58614  4.10411   5.66895   1.000 11.01014 ? 8   GLN B HB3  1 
ATOM   402 H HG2  . GLN B 1 8  ? -0.72043  5.84177   4.48660   1.000 12.81922 ? 8   GLN B HG2  1 
ATOM   403 H HG3  . GLN B 1 8  ? -1.97928  6.74283   4.84550   1.000 12.81922 ? 8   GLN B HG3  1 
ATOM   404 H HE21 . GLN B 1 8  ? -0.02992  8.08097   5.52891   1.000 15.93777 ? 8   GLN B HE21 1 
ATOM   405 H HE22 . GLN B 1 8  ? 0.37896   7.98154   6.95781   1.000 15.93777 ? 8   GLN B HE22 1 
HETATM 406 N N    . AIB B 1 9  ? -1.27777  3.14251   2.96583   1.000 8.14893  ? 9   AIB B N    1 
HETATM 407 C CA   . AIB B 1 9  ? -0.36603  2.90883   1.86851   1.000 8.67748  ? 9   AIB B CA   1 
HETATM 408 C C    . AIB B 1 9  ? -1.09879  2.89021   0.50284   1.000 9.26315  ? 9   AIB B C    1 
HETATM 409 O O    . AIB B 1 9  ? -0.59174  3.34893   -0.50840  1.000 12.54273 ? 9   AIB B O    1 
HETATM 410 C CB1  . AIB B 1 9  ? 0.73763   3.98873   1.82670   1.000 9.03180  ? 9   AIB B CB1  1 
HETATM 411 C CB2  . AIB B 1 9  ? 0.29829   1.52848   2.01970   1.000 9.21415  ? 9   AIB B CB2  1 
HETATM 412 H H    . AIB B 1 9  ? -0.96965  2.65132   3.78178   1.000 9.77872  ? 9   AIB B H    1 
HETATM 413 H HB11 . AIB B 1 9  ? 1.43867   3.77803   0.98432   1.000 10.83816 ? 9   AIB B HB11 1 
HETATM 414 H HB12 . AIB B 1 9  ? 0.27553   4.99360   1.67778   1.000 10.83816 ? 9   AIB B HB12 1 
HETATM 415 H HB13 . AIB B 1 9  ? 1.30545   3.98399   2.78743   1.000 10.83816 ? 9   AIB B HB13 1 
HETATM 416 H HB21 . AIB B 1 9  ? 1.04250   1.38989   1.19834   1.000 11.05698 ? 9   AIB B HB21 1 
HETATM 417 H HB22 . AIB B 1 9  ? 0.81196   1.47742   3.01028   1.000 11.05698 ? 9   AIB B HB22 1 
HETATM 418 H HB23 . AIB B 1 9  ? -0.48732  0.73685   1.95799   1.000 11.05698 ? 9   AIB B HB23 1 
ATOM   419 N N    . LEU B 1 10 ? -2.31895  2.34499   0.51218   1.000 7.62575  ? 10  LEU B N    1 
ATOM   420 C CA   . LEU B 1 10 ? -3.12133  2.15352   -0.70383  1.000 8.17428  ? 10  LEU B CA   1 
ATOM   421 C C    . LEU B 1 10 ? -4.03399  3.32101   -1.01124  1.000 8.82723  ? 10  LEU B C    1 
ATOM   422 O O    . LEU B 1 10 ? -4.91061  3.25263   -1.87052  1.000 11.07727 ? 10  LEU B O    1 
ATOM   423 C CB   . LEU B 1 10 ? -3.97829  0.91017   -0.53173  1.000 8.72099  ? 10  LEU B CB   1 
ATOM   424 C CG   . LEU B 1 10 ? -3.19763  -0.39402  -0.48797  1.000 8.64073  ? 10  LEU B CG   1 
ATOM   425 C CD1  . LEU B 1 10 ? -4.08965  -1.55651  -0.12546  1.000 10.41731 ? 10  LEU B CD1  1 
ATOM   426 C CD2  . LEU B 1 10 ? -2.53344  -0.66230  -1.81848  1.000 9.64211  ? 10  LEU B CD2  1 
ATOM   427 H H    . LEU B 1 10 ? -2.71455  2.07118   1.22501   1.000 9.15090  ? 10  LEU B H    1 
ATOM   428 H HA   . LEU B 1 10 ? -2.51271  2.06281   -1.45367  1.000 9.80913  ? 10  LEU B HA   1 
ATOM   429 H HB2  . LEU B 1 10 ? -4.46851  0.98683   0.30176   1.000 10.46519 ? 10  LEU B HB2  1 
ATOM   430 H HB3  . LEU B 1 10 ? -4.59705  0.85691   -1.27685  1.000 10.46519 ? 10  LEU B HB3  1 
ATOM   431 H HG   . LEU B 1 10 ? -2.51395  -0.31110  0.19512   1.000 10.36887 ? 10  LEU B HG   1 
ATOM   432 H HD11 . LEU B 1 10 ? -3.55766  -2.36725  -0.10127  1.000 12.50077 ? 10  LEU B HD11 1 
ATOM   433 H HD12 . LEU B 1 10 ? -4.48309  -1.39294  0.74595   1.000 12.50077 ? 10  LEU B HD12 1 
ATOM   434 H HD13 . LEU B 1 10 ? -4.78807  -1.63898  -0.79352  1.000 12.50077 ? 10  LEU B HD13 1 
ATOM   435 H HD21 . LEU B 1 10 ? -2.07049  -1.51355  -1.77439  1.000 11.57053 ? 10  LEU B HD21 1 
ATOM   436 H HD22 . LEU B 1 10 ? -3.21259  -0.69057  -2.51047  1.000 11.57053 ? 10  LEU B HD22 1 
ATOM   437 H HD23 . LEU B 1 10 ? -1.90081  0.04903   -2.00476  1.000 11.57053 ? 10  LEU B HD23 1 
HETATM 438 C C11  A I77 B 1 11 ? -5.07826  8.67752   -2.03087  0.715 7.49436  ? 11  I77 B C11  1 
HETATM 439 C C11  B I77 B 1 11 ? -5.59387  8.38407   -1.19536  0.285 6.89329  ? 11  I77 B C11  1 
HETATM 440 C C12  A I77 B 1 11 ? -5.37023  7.67679   -1.14531  0.715 6.58355  ? 11  I77 B C12  1 
HETATM 441 C C12  B I77 B 1 11 ? -5.98858  7.50268   -0.19436  0.285 6.93003  ? 11  I77 B C12  1 
HETATM 442 C C13  A I77 B 1 11 ? -4.54411  6.41100   -1.22604  0.715 6.97762  ? 11  I77 B C13  1 
HETATM 443 C C13  B I77 B 1 11 ? -5.35433  6.13085   -0.01867  0.285 7.07592  ? 11  I77 B C13  1 
HETATM 444 C C17  A I77 B 1 11 ? -6.32030  7.85594   -0.13912  0.715 6.99496  ? 11  I77 B C17  1 
HETATM 445 C C17  B I77 B 1 11 ? -6.97641  7.86339   0.70912   0.285 6.73996  ? 11  I77 B C17  1 
HETATM 446 C C18  A I77 B 1 11 ? -7.00595  9.03787   -0.11160  0.715 6.60955  ? 11  I77 B C18  1 
HETATM 447 C C18  B I77 B 1 11 ? -7.54905  9.10297   0.56442   0.285 6.70852  ? 11  I77 B C18  1 
HETATM 448 C C02  A I77 B 1 11 ? -9.33313  15.06828  -0.72955  0.715 6.29648  ? 11  I77 B C02  1 
HETATM 449 C C02  B I77 B 1 11 ? -9.53268  15.15617  -0.92763  0.285 7.53868  ? 11  I77 B C02  1 
HETATM 450 C C03  A I77 B 1 11 ? -8.68558  13.67724  -0.79171  0.715 7.66182  ? 11  I77 B C03  1 
HETATM 451 C C03  B I77 B 1 11 ? -8.87904  13.75865  -0.80074  0.285 5.78955  ? 11  I77 B C03  1 
HETATM 452 C C04  A I77 B 1 11 ? -7.62922  13.54132  -1.65899  0.715 9.32417  ? 11  I77 B C04  1 
HETATM 453 C C04  B I77 B 1 11 ? -7.78253  13.46427  -1.59631  0.285 5.27253  ? 11  I77 B C04  1 
HETATM 454 C C05  A I77 B 1 11 ? -6.99344  12.32855  -1.75484  0.715 7.43496  ? 11  I77 B C05  1 
HETATM 455 C C05  B I77 B 1 11 ? -7.19522  12.21385  -1.48397  0.285 6.95420  ? 11  I77 B C05  1 
HETATM 456 C C06  A I77 B 1 11 ? -9.08271  12.59688  -0.00349  0.715 7.45353  ? 11  I77 B C06  1 
HETATM 457 C C06  B I77 B 1 11 ? -9.36106  12.78534  0.06491   0.285 6.49740  ? 11  I77 B C06  1 
HETATM 458 C C08  A I77 B 1 11 ? -7.42863  11.28713  -0.96837  0.715 6.90083  ? 11  I77 B C08  1 
HETATM 459 C C08  B I77 B 1 11 ? -7.73632  11.29302  -0.61060  0.285 6.72946  ? 11  I77 B C08  1 
HETATM 460 C C09  A I77 B 1 11 ? -6.69081  9.98430   -1.05353  0.715 6.68221  ? 11  I77 B C09  1 
HETATM 461 C C09  B I77 B 1 11 ? -7.11522  9.93025   -0.46034  0.285 6.25511  ? 11  I77 B C09  1 
HETATM 462 N N01  A I77 B 1 11 ? -10.49135 15.23812  0.06548   0.715 5.99393  ? 11  I77 B N01  1 
HETATM 463 N N01  B I77 B 1 11 ? -10.64573 15.56687  -0.08830  0.285 8.87891  ? 11  I77 B N01  1 
HETATM 464 N N07  A I77 B 1 11 ? -8.43068  11.42844  -0.11464  0.715 7.54608  ? 11  I77 B N07  1 
HETATM 465 N N07  B I77 B 1 11 ? -8.77160  11.60596  0.12507   0.285 6.74532  ? 11  I77 B N07  1 
HETATM 466 N N10  A I77 B 1 11 ? -5.74225  9.80736   -1.96612  0.715 7.18262  ? 11  I77 B N10  1 
HETATM 467 N N10  B I77 B 1 11 ? -6.17546  9.56061   -1.30303  0.285 7.12551  ? 11  I77 B N10  1 
HETATM 468 N N14  A I77 B 1 11 ? -4.74268  5.51541   -0.13202  0.715 7.28116  ? 11  I77 B N14  1 
HETATM 469 N N14  B I77 B 1 11 ? -4.13518  5.83858   -0.76395  0.285 9.43385  ? 11  I77 B N14  1 
HETATM 470 N N15  A I77 B 1 11 ? -3.94838  4.37438   -0.06635  0.715 6.47913  ? 11  I77 B N15  1 
HETATM 471 N N15  B I77 B 1 11 ? -3.50853  4.58366   -0.60244  0.285 8.84458  ? 11  I77 B N15  1 
HETATM 472 O O16  A I77 B 1 11 ? -3.75110  6.19735   -2.09053  0.715 8.07478  ? 11  I77 B O16  1 
HETATM 473 O O16  B I77 B 1 11 ? -5.83168  5.33594   0.72610   0.285 11.43723 ? 11  I77 B O16  1 
HETATM 474 O O19  A I77 B 1 11 ? -8.84964  15.98642  -1.30391  0.715 6.34824  ? 11  I77 B O19  1 
HETATM 475 O O19  B I77 B 1 11 ? -9.10871  15.90895  -1.72668  0.285 8.13907  ? 11  I77 B O19  1 
HETATM 476 H H111 A I77 B 1 11 ? -4.30955  8.53929   -2.77532  0.715 8.99323  ? 11  I77 B H111 1 
HETATM 477 H H111 B I77 B 1 11 ? -4.81141  8.10393   -1.88350  0.285 8.27195  ? 11  I77 B H111 1 
HETATM 478 H H171 A I77 B 1 11 ? -6.50946  7.07839   0.60097   0.715 8.39395  ? 11  I77 B H171 1 
HETATM 479 H H171 B I77 B 1 11 ? -7.28727  7.18732   1.50561   0.285 8.08796  ? 11  I77 B H171 1 
HETATM 480 H H181 A I77 B 1 11 ? -7.77706  9.22243   0.63342   0.715 7.93146  ? 11  I77 B H181 1 
HETATM 481 H H181 B I77 B 1 11 ? -8.33230  9.43157   1.24433   0.285 8.05022  ? 11  I77 B H181 1 
HETATM 482 H H041 A I77 B 1 11 ? -7.30469  14.37385  -2.25485  0.715 11.18900 ? 11  I77 B H041 1 
HETATM 483 H H041 B I77 B 1 11 ? -7.39580  14.19094  -2.28615  0.285 6.32704  ? 11  I77 B H041 1 
HETATM 484 H H051 A I77 B 1 11 ? -6.16368  12.19373  -2.43764  0.715 8.92195  ? 11  I77 B H051 1 
HETATM 485 H H051 B I77 B 1 11 ? -6.32262  11.96266  -2.07420  0.285 8.34504  ? 11  I77 B H051 1 
HETATM 486 H H061 A I77 B 1 11 ? -9.90632  12.69934  0.68914   0.715 8.94423  ? 11  I77 B H061 1 
HETATM 487 H H061 B I77 B 1 11 ? -10.21868 12.99366  0.68914   0.285 7.79688  ? 11  I77 B H061 1 
HETATM 488 H H011 A I77 B 1 11 ? -10.87020 14.45829  0.53733   0.715 7.19271  ? 11  I77 B H011 1 
HETATM 489 H H011 B I77 B 1 11 ? -11.01693 14.93353  0.58431   0.285 10.65470 ? 11  I77 B H011 1 
HETATM 490 H H012 A I77 B 1 11 ? -10.93150 16.14018  0.12857   0.715 7.19271  ? 11  I77 B H012 1 
HETATM 491 H H012 B I77 B 1 11 ? -11.05640 16.47863  -0.19925  0.285 10.65470 ? 11  I77 B H012 1 
HETATM 492 H H141 A I77 B 1 11 ? -5.43683  5.70349   0.57142   0.715 8.73740  ? 11  I77 B H141 1 
HETATM 493 H H141 B I77 B 1 11 ? -3.74420  6.52453   -1.38734  0.285 11.32062 ? 11  I77 B H141 1 
HETATM 494 H H1   A I77 B 1 11 ? -3.00677  4.63141   -0.30844  0.715 7.77495  ? 11  I77 B H1   1 
HETATM 495 H H1   B I77 B 1 11 ? -2.55546  4.75681   -0.33762  0.285 10.61349 ? 11  I77 B H1   1 
HETATM 496 N N    . CCN C 2 .  ? 6.32567   -4.10805  0.19267   1.000 11.43506 ? 201 CCN A N    1 
HETATM 497 C C1   . CCN C 2 .  ? 6.43312   -3.04955  -0.13521  1.000 11.33480 ? 201 CCN A C1   1 
HETATM 498 C C2   . CCN C 2 .  ? 6.59833   -1.62121  -0.56506  1.000 12.75718 ? 201 CCN A C2   1 
HETATM 499 H H21  . CCN C 2 .  ? 6.56244   -0.97620  0.30417   1.000 15.30862 ? 201 CCN A H21  1 
HETATM 500 H H22  . CCN C 2 .  ? 5.79942   -1.35440  -1.24584  1.000 15.30862 ? 201 CCN A H22  1 
HETATM 501 H H23  . CCN C 2 .  ? 7.55232   -1.50234  -1.06370  1.000 15.30862 ? 201 CCN A H23  1 
HETATM 502 N N    . CCN D 2 .  ? -9.07916  9.31350   3.38536   1.000 35.63876 ? 201 CCN B N    1 
HETATM 503 C C1   . CCN D 2 .  ? -9.33750  10.37953  3.65905   1.000 34.15037 ? 201 CCN B C1   1 
HETATM 504 C C2   . CCN D 2 .  ? -9.69122  11.80582  4.05121   1.000 34.42407 ? 201 CCN B C2   1 
HETATM 505 H H21  . CCN D 2 .  ? -9.14298  12.08135  4.94362   1.000 41.30889 ? 201 CCN B H21  1 
HETATM 506 H H22  . CCN D 2 .  ? -10.75451 11.87366  4.24536   1.000 41.30889 ? 201 CCN B H22  1 
HETATM 507 H H23  . CCN D 2 .  ? -9.42804  12.47799  3.24386   1.000 41.30889 ? 201 CCN B H23  1 
HETATM 508 O O    . HOH E 3 .  ? 8.22866   -0.33608  -10.09153 1.000 26.68487 ? 301 HOH A O    1 
HETATM 509 O O    . HOH E 3 .  ? 14.85515  4.13163   -19.94274 1.000 30.40179 ? 302 HOH A O    1 
HETATM 510 O O    . HOH F 3 .  ? -0.96580  5.26330   -2.01226  1.000 21.88735 ? 301 HOH B O    1 
HETATM 511 O O    . HOH F 3 .  ? -4.86831  -4.76276  12.12061  1.000 11.72320 ? 302 HOH B O    1 
# 
loop_
_atom_site_anisotrop.id 
_atom_site_anisotrop.type_symbol 
_atom_site_anisotrop.pdbx_label_atom_id 
_atom_site_anisotrop.pdbx_label_alt_id 
_atom_site_anisotrop.pdbx_label_comp_id 
_atom_site_anisotrop.pdbx_label_asym_id 
_atom_site_anisotrop.pdbx_label_seq_id 
_atom_site_anisotrop.pdbx_PDB_ins_code 
_atom_site_anisotrop.U[1][1] 
_atom_site_anisotrop.U[2][2] 
_atom_site_anisotrop.U[3][3] 
_atom_site_anisotrop.U[1][2] 
_atom_site_anisotrop.U[1][3] 
_atom_site_anisotrop.U[2][3] 
_atom_site_anisotrop.pdbx_auth_seq_id 
_atom_site_anisotrop.pdbx_auth_comp_id 
_atom_site_anisotrop.pdbx_auth_asym_id 
_atom_site_anisotrop.pdbx_auth_atom_id 
1   C C05 A I6W A 1  ? 0.11287 0.11499 0.06792 -0.04735 -0.00711 -0.01278 1   I6W A C05 
2   C C05 B I6W A 1  ? 0.20252 0.23404 0.25611 -0.01714 0.02325  -0.01839 1   I6W A C05 
3   C C08 A I6W A 1  ? 0.12776 0.11936 0.08828 -0.03898 -0.01036 -0.00610 1   I6W A C08 
4   C C08 B I6W A 1  ? 0.22059 0.25076 0.29124 -0.01351 0.03122  -0.02259 1   I6W A C08 
5   C C09 A I6W A 1  ? 0.13766 0.14435 0.09420 -0.03267 -0.01880 -0.01748 1   I6W A C09 
6   C C09 B I6W A 1  ? 0.25805 0.28450 0.36192 -0.00510 0.04822  -0.03030 1   I6W A C09 
7   N N10 A I6W A 1  ? 0.14047 0.14961 0.16049 -0.01046 -0.04079 -0.02511 1   I6W A N10 
8   N N10 B I6W A 1  ? 0.27682 0.30136 0.39503 -0.00007 0.05574  -0.03441 1   I6W A N10 
9   C C02 A I6W A 1  ? 0.12374 0.12657 0.08962 -0.03059 -0.00041 0.00606  1   I6W A C02 
10  C C02 B I6W A 1  ? 0.14117 0.16819 0.14367 -0.02519 0.00748  -0.00515 1   I6W A C02 
11  C C03 A I6W A 1  ? 0.10273 0.12778 0.09010 -0.04858 -0.00156 0.00138  1   I6W A C03 
12  C C03 B I6W A 1  ? 0.16964 0.20141 0.19714 -0.02227 0.01336  -0.01161 1   I6W A C03 
13  C C04 A I6W A 1  ? 0.12576 0.10281 0.09372 -0.04244 -0.00888 -0.00509 1   I6W A C04 
14  C C04 B I6W A 1  ? 0.18657 0.21857 0.22493 -0.01910 0.01733  -0.01430 1   I6W A C04 
15  C C06 A I6W A 1  ? 0.12148 0.12141 0.09565 -0.03593 -0.00068 0.01580  1   I6W A C06 
16  C C06 B I6W A 1  ? 0.18513 0.21776 0.22617 -0.02042 0.01727  -0.01492 1   I6W A C06 
17  C C11 A I6W A 1  ? 0.15491 0.17539 0.12584 0.00235  -0.05345 -0.03411 1   I6W A C11 
18  C C11 B I6W A 1  ? 0.29354 0.31736 0.42043 0.00584  0.06080  -0.03816 1   I6W A C11 
19  C C12 A I6W A 1  ? 0.21733 0.17695 0.14460 0.02016  -0.03262 -0.00727 1   I6W A C12 
20  C C12 B I6W A 1  ? 0.30836 0.33251 0.43891 0.01295  0.06338  -0.04138 1   I6W A C12 
21  C C13 A I6W A 1  ? 0.24005 0.21154 0.19148 0.04601  -0.03314 0.01399  1   I6W A C13 
22  C C13 B I6W A 1  ? 0.33588 0.36061 0.47014 0.02757  0.06721  -0.04699 1   I6W A C13 
23  C C15 A I6W A 1  ? 0.31649 0.21975 0.38698 0.07596  0.03228  0.00748  1   I6W A C15 
24  C C15 B I6W A 1  ? 0.37480 0.39478 0.51147 0.05046  0.07982  -0.04856 1   I6W A C15 
25  C C16 A I6W A 1  ? 0.34208 0.19675 0.44505 0.06168  0.06387  -0.00513 1   I6W A C16 
26  C C16 B I6W A 1  ? 0.38365 0.40232 0.51979 0.05596  0.08294  -0.04826 1   I6W A C16 
27  C C18 A I6W A 1  ? 0.22539 0.17335 0.15207 0.01164  0.00133  0.00737  1   I6W A C18 
28  C C18 B I6W A 1  ? 0.29325 0.31761 0.41982 0.00584  0.06075  -0.03784 1   I6W A C18 
29  C C19 A I6W A 1  ? 0.20722 0.12471 0.11344 -0.01121 0.00612  0.01923  1   I6W A C19 
30  C C19 B I6W A 1  ? 0.27643 0.30135 0.39388 -0.00023 0.05562  -0.03408 1   I6W A C19 
31  N N07 A I6W A 1  ? 0.11747 0.13429 0.09827 -0.04387 -0.01174 -0.00644 1   I6W A N07 
32  N N07 B I6W A 1  ? 0.20245 0.23436 0.25772 -0.01717 0.02346  -0.01858 1   I6W A N07 
33  O O01 A I6W A 1  ? 0.14236 0.11344 0.09981 -0.04493 0.01061  0.01243  1   I6W A O01 
34  O O01 B I6W A 1  ? 0.14422 0.17126 0.13710 -0.02287 0.00499  -0.00457 1   I6W A O01 
35  O O14 A I6W A 1  ? 0.25967 0.21203 0.26763 0.06242  -0.02761 0.01250  1   I6W A O14 
36  O O14 B I6W A 1  ? 0.35825 0.38046 0.49419 0.04048  0.07404  -0.04837 1   I6W A O14 
37  O O17 A I6W A 1  ? 0.27971 0.20987 0.25990 0.05702  0.01482  0.04546  1   I6W A O17 
38  O O17 B I6W A 1  ? 0.33804 0.36499 0.47242 0.02837  0.06455  -0.04961 1   I6W A O17 
61  N N   . LEU A 2  ? 0.10843 0.12976 0.10743 -0.03386 0.00836  -0.00051 2   LEU A N   
62  C CA  . LEU A 2  ? 0.11455 0.13341 0.08733 -0.00673 -0.00395 0.00502  2   LEU A CA  
63  C C   . LEU A 2  ? 0.09823 0.12421 0.09501 -0.01332 -0.00108 0.01821  2   LEU A C   
64  O O   . LEU A 2  ? 0.09886 0.13898 0.12555 -0.00237 0.00893  0.01924  2   LEU A O   
65  C CB  . LEU A 2  ? 0.10539 0.13617 0.10241 -0.01064 0.00685  -0.00056 2   LEU A CB  
66  C CG  . LEU A 2  ? 0.09772 0.13471 0.12347 -0.01389 -0.00267 -0.00954 2   LEU A CG  
67  C CD1 . LEU A 2  ? 0.10993 0.15346 0.13568 -0.00020 -0.01208 -0.01047 2   LEU A CD1 
68  C CD2 . LEU A 2  ? 0.10688 0.18605 0.13123 0.00632  -0.01985 -0.03463 2   LEU A CD2 
79  N N   . AIB A 3  ? 0.11593 0.13943 0.09378 0.00635  -0.00008 0.02528  3   AIB A N   
80  C CA  . AIB A 3  ? 0.12414 0.12396 0.11118 -0.01182 0.00452  0.00623  3   AIB A CA  
81  C C   . AIB A 3  ? 0.10391 0.13111 0.10294 -0.01065 -0.00800 0.00054  3   AIB A C   
82  O O   . AIB A 3  ? 0.11799 0.10994 0.12680 -0.02058 -0.00580 0.00086  3   AIB A O   
83  C CB1 . AIB A 3  ? 0.14895 0.12740 0.11936 0.00510  -0.00103 -0.00212 3   AIB A CB1 
84  C CB2 . AIB A 3  ? 0.13699 0.12597 0.11024 -0.00506 -0.01957 -0.00022 3   AIB A CB2 
92  N N   . ALA A 4  ? 0.08736 0.10764 0.09585 -0.01818 -0.00254 0.01965  4   ALA A N   
93  C CA  . ALA A 4  ? 0.10190 0.09407 0.11413 -0.02608 0.00721  0.01207  4   ALA A CA  
94  C C   . ALA A 4  ? 0.09459 0.08748 0.10666 -0.03090 -0.00844 0.01728  4   ALA A C   
95  O O   . ALA A 4  ? 0.11446 0.08535 0.11196 -0.03466 0.01387  0.01525  4   ALA A O   
96  C CB  . ALA A 4  ? 0.13487 0.09419 0.10941 -0.01035 0.02166  0.02063  4   ALA A CB  
102 N N   . AIB A 5  ? 0.10606 0.08326 0.10361 -0.02847 -0.00839 0.01934  5   AIB A N   
103 C CA  . AIB A 5  ? 0.10753 0.09731 0.12694 -0.02760 -0.00462 0.02582  5   AIB A CA  
104 C C   . AIB A 5  ? 0.12129 0.09622 0.11450 -0.01557 0.00232  0.02130  5   AIB A C   
105 O O   . AIB A 5  ? 0.12539 0.08599 0.10447 -0.02360 -0.00568 0.02793  5   AIB A O   
106 C CB1 . AIB A 5  ? 0.12905 0.08790 0.12445 -0.03314 -0.00668 0.02032  5   AIB A CB1 
107 C CB2 . AIB A 5  ? 0.09951 0.13658 0.13940 -0.01386 0.01024  0.04694  5   AIB A CB2 
115 N N   . LEU A 6  ? 0.11990 0.09923 0.10576 -0.02018 0.00946  0.01155  6   LEU A N   
116 C CA  . LEU A 6  ? 0.10812 0.10869 0.11394 -0.02316 0.00378  -0.00678 6   LEU A CA  
117 C C   . LEU A 6  ? 0.12156 0.10090 0.09712 -0.01756 -0.00360 0.00081  6   LEU A C   
118 O O   . LEU A 6  ? 0.14129 0.08544 0.12182 -0.02549 0.01906  0.00775  6   LEU A O   
119 C CB  . LEU A 6  ? 0.09157 0.14870 0.12379 -0.02258 0.01393  0.00125  6   LEU A CB  
120 C CG  . LEU A 6  ? 0.11402 0.14006 0.14967 -0.03062 0.02785  -0.02618 6   LEU A CG  
121 C CD1 . LEU A 6  ? 0.13275 0.13772 0.15769 -0.01353 0.01811  -0.04190 6   LEU A CD1 
122 C CD2 . LEU A 6  ? 0.11378 0.20025 0.15599 -0.01911 0.01522  -0.04518 6   LEU A CD2 
134 N N   A CYS A 7  ? 0.08563 0.11628 0.06278 -0.03202 -0.01437 -0.00243 7   CYS A N   
135 N N   B CYS A 7  ? 0.12184 0.11079 0.12311 -0.01199 0.01262  0.02238  7   CYS A N   
136 C CA  A CYS A 7  ? 0.09326 0.10521 0.08767 -0.03525 -0.02053 -0.00244 7   CYS A CA  
137 C CA  B CYS A 7  ? 0.13041 0.10811 0.11988 -0.00930 -0.00997 0.01202  7   CYS A CA  
138 C C   A CYS A 7  ? 0.09281 0.08670 0.08902 -0.03673 -0.01339 0.01091  7   CYS A C   
139 C C   B CYS A 7  ? 0.11206 0.08071 0.13062 -0.04239 -0.01073 -0.00189 7   CYS A C   
140 O O   A CYS A 7  ? 0.06225 0.09556 0.08666 -0.03510 -0.02003 0.01897  7   CYS A O   
141 O O   B CYS A 7  ? 0.13106 0.10997 0.15955 -0.02631 -0.00780 0.00048  7   CYS A O   
142 C CB  A CYS A 7  ? 0.11032 0.11104 0.09485 -0.02924 -0.02622 0.00918  7   CYS A CB  
143 C CB  B CYS A 7  ? 0.13080 0.13733 0.14268 0.00280  -0.01301 0.01653  7   CYS A CB  
144 S SG  A CYS A 7  ? 0.16390 0.15089 0.08758 0.00767  -0.02427 0.02454  7   CYS A SG  
145 S SG  B CYS A 7  ? 0.12568 0.14347 0.15808 -0.00703 -0.00407 0.01916  7   CYS A SG  
156 N N   . GLN A 8  ? 0.09840 0.08811 0.09883 -0.04072 -0.01453 0.00394  8   GLN A N   
157 C CA  . GLN A 8  ? 0.10806 0.10352 0.09444 -0.03762 -0.00261 -0.00058 8   GLN A CA  
158 C C   . GLN A 8  ? 0.09868 0.11908 0.07691 -0.04246 -0.00667 -0.00162 8   GLN A C   
159 O O   . GLN A 8  ? 0.11411 0.10807 0.08469 -0.04962 -0.00396 -0.00199 8   GLN A O   
160 C CB  . GLN A 8  ? 0.10262 0.09974 0.09437 -0.04931 -0.00589 -0.00451 8   GLN A CB  
161 C CG  . GLN A 8  ? 0.09861 0.11060 0.09138 -0.05105 -0.00816 -0.00103 8   GLN A CG  
162 C CD  . GLN A 8  ? 0.09544 0.11709 0.07996 -0.03776 -0.01408 0.01462  8   GLN A CD  
163 O OE1 . GLN A 8  ? 0.11440 0.12570 0.08611 -0.05734 -0.00283 0.00482  8   GLN A OE1 
164 N NE2 . GLN A 8  ? 0.10047 0.10536 0.07490 -0.05022 -0.00350 -0.00616 8   GLN A NE2 
173 N N   . AIB A 9  ? 0.10004 0.10418 0.08467 -0.04026 -0.01591 0.01093  9   AIB A N   
174 C CA  . AIB A 9  ? 0.08299 0.11797 0.12737 -0.03167 -0.01921 0.03088  9   AIB A CA  
175 C C   . AIB A 9  ? 0.07650 0.10602 0.13108 -0.02745 -0.01516 0.02611  9   AIB A C   
176 O O   . AIB A 9  ? 0.09590 0.10561 0.13607 -0.03740 -0.02715 0.03621  9   AIB A O   
177 C CB1 . AIB A 9  ? 0.09086 0.13298 0.14760 -0.04857 -0.03556 0.02480  9   AIB A CB1 
178 C CB2 . AIB A 9  ? 0.07898 0.11804 0.17519 -0.02925 -0.00279 0.02761  9   AIB A CB2 
186 N N   . LEU A 10 ? 0.08426 0.08946 0.08682 -0.02054 -0.00478 0.00716  10  LEU A N   
187 C CA  . LEU A 10 ? 0.07369 0.08071 0.09227 -0.01619 -0.01459 0.00366  10  LEU A CA  
188 C C   . LEU A 10 ? 0.08268 0.07943 0.08980 -0.02614 -0.00961 0.00150  10  LEU A C   
189 O O   . LEU A 10 ? 0.09671 0.09134 0.10929 -0.03656 0.00500  -0.01597 10  LEU A O   
190 C CB  . LEU A 10 ? 0.07916 0.08670 0.09386 -0.01173 -0.00385 -0.00121 10  LEU A CB  
191 C CG  . LEU A 10 ? 0.07983 0.09141 0.09732 -0.01510 -0.00469 -0.00133 10  LEU A CG  
192 C CD1 . LEU A 10 ? 0.09682 0.10182 0.09985 -0.01296 0.00126  0.01034  10  LEU A CD1 
193 C CD2 . LEU A 10 ? 0.09355 0.11072 0.10903 0.00293  -0.01326 -0.01021 10  LEU A CD2 
205 C C11 . I77 A 11 ? 0.08589 0.09718 0.07378 -0.01986 -0.00978 0.00103  11  I77 A C11 
206 C C12 . I77 A 11 ? 0.08274 0.09214 0.07885 -0.02681 -0.00465 -0.01192 11  I77 A C12 
207 C C13 . I77 A 11 ? 0.08538 0.08111 0.08597 -0.02016 -0.00541 -0.00633 11  I77 A C13 
208 C C17 . I77 A 11 ? 0.08311 0.08938 0.09913 -0.02406 -0.00248 -0.02221 11  I77 A C17 
209 C C18 . I77 A 11 ? 0.08390 0.07954 0.09310 -0.01793 -0.00244 -0.01251 11  I77 A C18 
210 C C02 . I77 A 11 ? 0.08590 0.14879 0.08467 -0.02954 -0.00571 -0.03135 11  I77 A C02 
211 C C03 . I77 A 11 ? 0.08557 0.14596 0.08725 -0.02732 -0.01157 -0.03526 11  I77 A C03 
212 C C04 . I77 A 11 ? 0.08826 0.13393 0.10790 -0.02205 -0.00614 -0.03701 11  I77 A C04 
213 C C05 . I77 A 11 ? 0.07908 0.11565 0.08798 -0.02232 -0.00764 -0.01999 11  I77 A C05 
214 C C06 . I77 A 11 ? 0.08861 0.14867 0.09563 -0.02207 -0.01022 -0.03494 11  I77 A C06 
215 C C08 . I77 A 11 ? 0.07396 0.11679 0.08633 -0.02538 -0.01526 -0.02520 11  I77 A C08 
216 C C09 . I77 A 11 ? 0.07637 0.09877 0.08043 -0.02313 -0.01280 -0.01675 11  I77 A C09 
217 N N01 . I77 A 11 ? 0.09196 0.14217 0.09416 -0.00496 0.00311  0.00050  11  I77 A N01 
218 N N07 . I77 A 11 ? 0.09207 0.14386 0.10446 -0.01897 -0.01597 -0.03727 11  I77 A N07 
219 N N10 . I77 A 11 ? 0.09350 0.11360 0.08787 -0.01839 -0.00343 -0.00859 11  I77 A N10 
220 N N14 . I77 A 11 ? 0.07997 0.08090 0.08650 -0.02111 -0.00231 -0.00247 11  I77 A N14 
221 N N15 . I77 A 11 ? 0.07553 0.08367 0.08422 -0.02963 0.00049  -0.00205 11  I77 A N15 
222 O O16 . I77 A 11 ? 0.11090 0.10335 0.09281 -0.00428 0.00804  0.01014  11  I77 A O16 
223 O O19 . I77 A 11 ? 0.11578 0.17140 0.10057 -0.02340 0.00884  -0.02180 11  I77 A O19 
234 C C05 A I6W B 1  ? 0.25561 0.10531 0.24890 -0.00729 -0.14768 0.00036  1   I6W B C05 
235 C C05 B I6W B 1  ? 0.16918 0.13831 0.18499 -0.02907 -0.07673 0.01771  1   I6W B C05 
236 C C08 A I6W B 1  ? 0.22536 0.10633 0.24550 -0.00754 -0.13681 -0.00391 1   I6W B C08 
237 C C08 B I6W B 1  ? 0.15745 0.14729 0.23944 -0.03113 -0.08913 0.00799  1   I6W B C08 
238 C C09 A I6W B 1  ? 0.20881 0.09924 0.27088 -0.00972 -0.13888 0.00835  1   I6W B C09 
239 C C09 B I6W B 1  ? 0.18438 0.16611 0.39274 -0.01938 -0.06616 0.00838  1   I6W B C09 
240 N N10 A I6W B 1  ? 0.19125 0.11147 0.35121 -0.01563 -0.13276 0.01710  1   I6W B N10 
241 N N10 B I6W B 1  ? 0.17033 0.19863 0.42856 -0.00232 -0.08609 0.01397  1   I6W B N10 
242 C C02 A I6W B 1  ? 0.16019 0.15323 0.24347 -0.01970 -0.11195 0.01032  1   I6W B C02 
243 C C02 B I6W B 1  ? 0.13065 0.16347 0.15350 -0.01607 -0.06901 0.06106  1   I6W B C02 
244 C C03 A I6W B 1  ? 0.21135 0.14505 0.23592 -0.01343 -0.12841 -0.01378 1   I6W B C03 
245 C C03 B I6W B 1  ? 0.14259 0.14487 0.13592 -0.02778 -0.05424 0.05967  1   I6W B C03 
246 C C04 A I6W B 1  ? 0.25140 0.11012 0.25980 -0.01457 -0.14054 0.00019  1   I6W B C04 
247 C C04 B I6W B 1  ? 0.13747 0.14018 0.12560 -0.02163 -0.07497 0.02977  1   I6W B C04 
248 C C06 A I6W B 1  ? 0.22153 0.14519 0.22817 -0.00776 -0.12873 -0.02158 1   I6W B C06 
249 C C06 B I6W B 1  ? 0.12477 0.14548 0.14722 -0.03828 -0.07381 0.03436  1   I6W B C06 
250 C C11 A I6W B 1  ? 0.18235 0.12430 0.38474 -0.01325 -0.13168 0.01026  1   I6W B C11 
251 C C11 B I6W B 1  ? 0.15766 0.19929 0.44016 0.00569  -0.10664 0.02664  1   I6W B C11 
252 C C12 A I6W B 1  ? 0.20015 0.13663 0.35975 -0.01332 -0.14282 -0.00060 1   I6W B C12 
253 C C12 B I6W B 1  ? 0.18502 0.19714 0.48848 0.01970  -0.08597 0.04139  1   I6W B C12 
254 C C13 A I6W B 1  ? 0.21528 0.14717 0.36950 -0.01348 -0.13633 -0.03198 1   I6W B C13 
255 C C13 B I6W B 1  ? 0.23483 0.22666 0.50629 0.06348  -0.08326 0.05923  1   I6W B C13 
256 C C15 A I6W B 1  ? 0.25365 0.19285 0.48491 0.01802  -0.07785 -0.00212 1   I6W B C15 
257 C C15 B I6W B 1  ? 0.31328 0.24933 0.62495 0.09941  0.00041  0.09854  1   I6W B C15 
258 C C16 A I6W B 1  ? 0.26943 0.22649 0.49588 0.04279  -0.07012 -0.00278 1   I6W B C16 
259 C C16 B I6W B 1  ? 0.33988 0.26272 0.65277 0.11204  0.02591  0.10487  1   I6W B C16 
260 C C18 A I6W B 1  ? 0.24247 0.12051 0.33179 -0.01218 -0.15552 0.00522  1   I6W B C18 
261 C C18 B I6W B 1  ? 0.20038 0.18216 0.49082 0.00705  -0.05806 0.03453  1   I6W B C18 
262 C C19 A I6W B 1  ? 0.23683 0.11277 0.28177 -0.01136 -0.14495 -0.00388 1   I6W B C19 
263 C C19 B I6W B 1  ? 0.19611 0.16911 0.46028 -0.00817 -0.05622 0.01833  1   I6W B C19 
264 N N07 A I6W B 1  ? 0.25272 0.12993 0.26978 -0.00659 -0.14907 -0.01608 1   I6W B N07 
265 N N07 B I6W B 1  ? 0.13632 0.13352 0.20653 -0.04185 -0.07241 0.02188  1   I6W B N07 
266 O O01 A I6W B 1  ? 0.16094 0.16331 0.29077 -0.02181 -0.10891 0.02371  1   I6W B O01 
267 O O01 B I6W B 1  ? 0.13468 0.15332 0.13996 -0.01436 -0.06083 0.06457  1   I6W B O01 
268 O O14 A I6W B 1  ? 0.24155 0.16963 0.43521 0.00960  -0.10811 0.00095  1   I6W B O14 
269 O O14 B I6W B 1  ? 0.29593 0.23866 0.57016 0.09172  -0.03275 0.08607  1   I6W B O14 
270 O O17 A I6W B 1  ? 0.22663 0.15648 0.37282 -0.00494 -0.13887 -0.05206 1   I6W B O17 
271 O O17 B I6W B 1  ? 0.23324 0.24452 0.48662 0.06910  -0.10443 0.04048  1   I6W B O17 
294 N N   . LEU B 2  ? 0.13638 0.17394 0.24323 -0.00776 -0.06948 0.05811  2   LEU B N   
295 C CA  . LEU B 2  ? 0.14462 0.16870 0.29641 0.00039  -0.00300 0.08255  2   LEU B CA  
296 C C   . LEU B 2  ? 0.15899 0.19136 0.32052 0.04352  0.04394  0.11156  2   LEU B C   
297 O O   . LEU B 2  ? 0.18318 0.21562 0.33195 0.06949  0.06457  0.13660  2   LEU B O   
298 C CB  . LEU B 2  ? 0.11501 0.18433 0.31075 0.01353  -0.01711 0.08761  2   LEU B CB  
299 C CG  . LEU B 2  ? 0.11707 0.20863 0.30267 0.02314  -0.00553 0.08029  2   LEU B CG  
300 C CD1 . LEU B 2  ? 0.10650 0.21852 0.31204 0.00734  -0.01617 0.03920  2   LEU B CD1 
301 C CD2 . LEU B 2  ? 0.11114 0.22583 0.32436 0.02785  0.01520  0.07297  2   LEU B CD2 
312 N N   . AIB B 3  ? 0.11685 0.20648 0.27217 0.01905  0.06089  0.06492  3   AIB B N   
313 C CA  . AIB B 3  ? 0.20749 0.21594 0.19121 0.02608  0.07948  0.01585  3   AIB B CA  
314 C C   . AIB B 3  ? 0.18569 0.21556 0.13842 0.01694  0.06438  -0.00194 3   AIB B C   
315 O O   . AIB B 3  ? 0.23929 0.20513 0.14353 0.02082  0.07774  -0.00203 3   AIB B O   
316 C CB1 . AIB B 3  ? 0.26031 0.21418 0.22007 0.04308  0.10395  0.02735  3   AIB B CB1 
317 C CB2 . AIB B 3  ? 0.19645 0.22724 0.13158 0.01873  0.03903  0.00859  3   AIB B CB2 
325 N N   . ALA B 4  ? 0.15126 0.22273 0.11090 0.04486  0.02262  0.01045  4   ALA B N   
326 C CA  . ALA B 4  ? 0.15912 0.22010 0.09562 0.05956  -0.00004 0.01108  4   ALA B CA  
327 C C   . ALA B 4  ? 0.16489 0.19523 0.08683 0.04525  -0.00427 -0.00607 4   ALA B C   
328 O O   . ALA B 4  ? 0.20154 0.18431 0.08871 0.07294  0.00015  0.00825  4   ALA B O   
329 C CB  . ALA B 4  ? 0.18475 0.21971 0.10989 0.06938  0.01471  0.01795  4   ALA B CB  
335 N N   . AIB B 5  ? 0.15201 0.19647 0.07705 0.02840  0.00523  0.01728  5   AIB B N   
336 C CA  . AIB B 5  ? 0.16479 0.18869 0.08819 0.02857  0.00099  0.01221  5   AIB B CA  
337 C C   . AIB B 5  ? 0.13908 0.15559 0.07667 0.01615  -0.00819 0.01052  5   AIB B C   
338 O O   . AIB B 5  ? 0.16304 0.17276 0.07902 0.03265  0.00033  0.02068  5   AIB B O   
339 C CB1 . AIB B 5  ? 0.20962 0.19170 0.09475 0.02859  0.02140  0.00786  5   AIB B CB1 
340 C CB2 . AIB B 5  ? 0.14369 0.18566 0.11475 0.01075  0.00114  0.02429  5   AIB B CB2 
348 N N   . LEU B 6  ? 0.13615 0.14376 0.08132 0.01424  -0.00197 0.00699  6   LEU B N   
349 C CA  . LEU B 6  ? 0.14309 0.11202 0.10048 0.01498  0.00174  0.01342  6   LEU B CA  
350 C C   . LEU B 6  ? 0.15623 0.11398 0.07989 0.00560  0.00275  -0.00416 6   LEU B C   
351 O O   . LEU B 6  ? 0.15464 0.12728 0.09045 0.01760  -0.00082 0.00294  6   LEU B O   
352 C CB  . LEU B 6  ? 0.14338 0.11521 0.09228 0.02159  -0.01967 0.01476  6   LEU B CB  
353 C CG  . LEU B 6  ? 0.15987 0.12744 0.10967 0.01301  0.00759  0.00389  6   LEU B CG  
354 C CD1 . LEU B 6  ? 0.15696 0.12219 0.13544 -0.00499 0.00706  -0.02927 6   LEU B CD1 
355 C CD2 . LEU B 6  ? 0.14887 0.13556 0.14024 -0.00426 -0.01199 -0.02977 6   LEU B CD2 
367 N N   A CYS B 7  ? 0.14142 0.11147 0.09898 0.01315  -0.00308 0.02380  7   CYS B N   
368 N N   B CYS B 7  ? 0.15247 0.10270 0.08921 -0.00025 -0.00195 0.01053  7   CYS B N   
369 C CA  A CYS B 7  ? 0.11854 0.11047 0.12648 -0.01684 -0.00854 0.00783  7   CYS B CA  
370 C CA  B CYS B 7  ? 0.13008 0.09659 0.12246 -0.02187 -0.00976 0.00678  7   CYS B CA  
371 C C   A CYS B 7  ? 0.11914 0.11131 0.10092 -0.00723 -0.01872 0.00872  7   CYS B C   
372 C C   B CYS B 7  ? 0.11276 0.09618 0.09110 -0.01260 -0.01574 0.01364  7   CYS B C   
373 O O   A CYS B 7  ? 0.13268 0.15028 0.13102 0.00336  -0.01400 0.02634  7   CYS B O   
374 O O   B CYS B 7  ? 0.08266 0.09900 0.09138 -0.02220 -0.01473 0.03464  7   CYS B O   
375 C CB  A CYS B 7  ? 0.12816 0.15357 0.13748 -0.00456 0.00173  0.02154  7   CYS B CB  
376 C CB  B CYS B 7  ? 0.14419 0.11546 0.17412 -0.02807 0.01119  0.02192  7   CYS B CB  
377 S SG  A CYS B 7  ? 0.13446 0.21927 0.18285 0.01970  0.01667  0.04402  7   CYS B SG  
378 S SG  B CYS B 7  ? 0.14575 0.15553 0.21970 -0.02936 0.00859  0.01641  7   CYS B SG  
389 N N   . GLN B 8  ? 0.10907 0.09899 0.08843 -0.00524 -0.00426 0.00869  8   GLN B N   
390 C CA  . GLN B 8  ? 0.09975 0.10043 0.10204 -0.01028 -0.01193 -0.00250 8   GLN B CA  
391 C C   . GLN B 8  ? 0.09690 0.10332 0.07955 -0.00158 -0.01749 0.00180  8   GLN B C   
392 O O   . GLN B 8  ? 0.09901 0.10907 0.09106 0.00152  -0.00860 0.00702  8   GLN B O   
393 C CB  . GLN B 8  ? 0.13950 0.12604 0.08307 -0.01874 -0.00677 -0.01298 8   GLN B CB  
394 C CG  . GLN B 8  ? 0.13938 0.16119 0.10532 -0.03995 -0.01065 -0.00350 8   GLN B CG  
395 C CD  . GLN B 8  ? 0.18849 0.18439 0.08742 -0.06934 0.00796  -0.01228 8   GLN B CD  
396 O OE1 . GLN B 8  ? 0.22398 0.20367 0.15967 -0.06128 -0.01064 -0.00866 8   GLN B OE1 
397 N NE2 . GLN B 8  ? 0.17520 0.19834 0.13109 -0.07424 -0.01242 -0.02555 8   GLN B NE2 
406 N N   . AIB B 9  ? 0.10975 0.12160 0.07828 0.01821  -0.01274 0.00722  9   AIB B N   
407 C CA  . AIB B 9  ? 0.11009 0.14296 0.07664 0.02319  -0.01430 0.00434  9   AIB B CA  
408 C C   . AIB B 9  ? 0.09862 0.17743 0.07591 0.02647  -0.01275 0.00975  9   AIB B C   
409 O O   . AIB B 9  ? 0.09923 0.28304 0.09430 0.02292  -0.00487 0.01451  9   AIB B O   
410 C CB1 . AIB B 9  ? 0.09546 0.14731 0.10040 0.00470  -0.01002 0.00676  9   AIB B CB1 
411 C CB2 . AIB B 9  ? 0.11275 0.15292 0.08443 0.03711  -0.01997 0.00145  9   AIB B CB2 
419 N N   . LEU B 10 ? 0.10329 0.10988 0.07657 0.02178  -0.02069 -0.00113 10  LEU B N   
420 C CA  . LEU B 10 ? 0.11402 0.10706 0.08951 0.01684  -0.02311 -0.00565 10  LEU B CA  
421 C C   . LEU B 10 ? 0.12373 0.10661 0.10506 0.02248  -0.03759 0.00417  10  LEU B C   
422 O O   . LEU B 10 ? 0.16941 0.11393 0.13755 0.03415  -0.06748 -0.01995 10  LEU B O   
423 C CB  . LEU B 10 ? 0.12064 0.11265 0.09806 0.02062  -0.03347 -0.01576 10  LEU B CB  
424 C CG  . LEU B 10 ? 0.11726 0.10708 0.10397 0.01635  -0.03353 -0.00353 10  LEU B CG  
425 C CD1 . LEU B 10 ? 0.15695 0.12177 0.11709 0.01756  -0.01827 0.00127  10  LEU B CD1 
426 C CD2 . LEU B 10 ? 0.13585 0.10069 0.12983 0.02424  -0.02004 -0.01181 10  LEU B CD2 
438 C C11 A I77 B 11 ? 0.10035 0.09242 0.09198 -0.00156 -0.00539 0.00742  11  I77 B C11 
439 C C11 B I77 B 11 ? 0.09500 0.06525 0.10167 -0.02111 -0.03805 0.01170  11  I77 B C11 
440 C C12 A I77 B 11 ? 0.08669 0.07958 0.08386 -0.01351 -0.02070 -0.00631 11  I77 B C12 
441 C C12 B I77 B 11 ? 0.08943 0.06567 0.10821 -0.01884 -0.04289 0.00849  11  I77 B C12 
442 C C13 A I77 B 11 ? 0.07522 0.09329 0.09660 -0.01146 -0.02710 -0.00900 11  I77 B C13 
443 C C13 B I77 B 11 ? 0.08002 0.10075 0.08808 0.00339  -0.04481 0.02310  11  I77 B C13 
444 C C17 A I77 B 11 ? 0.09492 0.08576 0.08509 -0.00872 -0.02389 -0.00793 11  I77 B C17 
445 C C17 B I77 B 11 ? 0.09505 0.07440 0.08664 -0.01185 -0.04016 0.01237  11  I77 B C17 
446 C C18 A I77 B 11 ? 0.08082 0.08119 0.08912 -0.01381 -0.01936 0.00145  11  I77 B C18 
447 C C18 B I77 B 11 ? 0.09329 0.05186 0.10973 -0.03025 -0.02263 -0.00749 11  I77 B C18 
448 C C02 A I77 B 11 ? 0.09720 0.06576 0.07626 -0.00577 -0.02283 0.01246  11  I77 B C02 
449 C C02 B I77 B 11 ? 0.09354 0.07142 0.12147 -0.03110 -0.04042 -0.00651 11  I77 B C02 
450 C C03 A I77 B 11 ? 0.10839 0.07993 0.10280 -0.00133 -0.01994 0.01664  11  I77 B C03 
451 C C03 B I77 B 11 ? 0.07115 0.06598 0.08285 -0.02588 -0.03412 -0.00223 11  I77 B C03 
452 C C04 A I77 B 11 ? 0.13362 0.11444 0.10623 0.02067  -0.00407 0.02205  11  I77 B C04 
453 C C04 B I77 B 11 ? 0.06804 0.05236 0.07993 -0.03030 -0.02078 0.00130  11  I77 B C04 
454 C C05 A I77 B 11 ? 0.09161 0.08956 0.10132 -0.01258 -0.00635 0.01357  11  I77 B C05 
455 C C05 B I77 B 11 ? 0.09008 0.06242 0.11174 -0.03338 -0.02344 -0.01489 11  I77 B C05 
456 C C06 A I77 B 11 ? 0.11083 0.06066 0.11171 -0.00371 -0.02941 0.01788  11  I77 B C06 
457 C C06 B I77 B 11 ? 0.08080 0.06977 0.09629 -0.02538 -0.03804 -0.00892 11  I77 B C06 
458 C C08 A I77 B 11 ? 0.07914 0.09491 0.08815 -0.01977 -0.02082 -0.00959 11  I77 B C08 
459 C C08 B I77 B 11 ? 0.09345 0.07073 0.09149 -0.02162 -0.04113 -0.01473 11  I77 B C08 
460 C C09 A I77 B 11 ? 0.08964 0.07564 0.08861 -0.01308 -0.01905 0.00173  11  I77 B C09 
461 C C09 B I77 B 11 ? 0.08777 0.06310 0.08680 -0.02428 -0.03886 -0.00660 11  I77 B C09 
462 N N01 A I77 B 11 ? 0.07516 0.05485 0.09773 -0.00881 -0.01752 0.00855  11  I77 B N01 
463 N N01 B I77 B 11 ? 0.12226 0.07746 0.13764 -0.04003 -0.00451 0.00482  11  I77 B N01 
464 N N07 A I77 B 11 ? 0.10505 0.07396 0.10771 -0.01177 -0.01354 0.01733  11  I77 B N07 
465 N N07 B I77 B 11 ? 0.08682 0.08759 0.08187 -0.02427 -0.03919 -0.01507 11  I77 B N07 
466 N N10 A I77 B 11 ? 0.08930 0.08613 0.09749 -0.01088 -0.00910 0.01600  11  I77 B N10 
467 N N10 B I77 B 11 ? 0.09520 0.07075 0.10479 -0.02155 -0.02084 0.02139  11  I77 B N10 
468 N N14 A I77 B 11 ? 0.08101 0.08748 0.10816 -0.00284 -0.01959 0.00142  11  I77 B N14 
469 N N14 B I77 B 11 ? 0.13165 0.11572 0.11108 0.02013  -0.02608 0.00800  11  I77 B N14 
470 N N15 A I77 B 11 ? 0.08995 0.07992 0.07630 -0.00535 -0.01284 0.00819  11  I77 B N15 
471 N N15 B I77 B 11 ? 0.13025 0.11706 0.08874 0.03175  -0.04241 0.01347  11  I77 B N15 
472 O O16 A I77 B 11 ? 0.10189 0.10307 0.10184 -0.00286 0.00226  0.00150  11  I77 B O16 
473 O O16 B I77 B 11 ? 0.13039 0.10722 0.19695 0.02349  0.02779  0.06199  11  I77 B O16 
474 O O19 A I77 B 11 ? 0.10271 0.07589 0.06260 -0.01058 -0.01647 0.01668  11  I77 B O19 
475 O O19 B I77 B 11 ? 0.13984 0.10169 0.06771 0.01184  -0.04734 0.00985  11  I77 B O19 
496 N N   . CCN C .  ? 0.13609 0.11993 0.17845 -0.02826 -0.01494 0.04082  201 CCN A N   
497 C C1  . CCN C .  ? 0.15806 0.12385 0.14876 -0.01107 -0.00495 0.04764  201 CCN A C1  
498 C C2  . CCN C .  ? 0.17136 0.11861 0.19476 -0.01014 0.01372  0.05526  201 CCN A C2  
502 N N   . CCN D .  ? 0.28998 0.55154 0.51259 -0.09224 0.08490  0.08824  201 CCN B N   
503 C C1  . CCN D .  ? 0.24643 0.51483 0.53630 -0.12687 0.07784  0.08564  201 CCN B C1  
504 C C2  . CCN D .  ? 0.25432 0.54356 0.51009 -0.09992 0.05331  0.08625  201 CCN B C2  
508 O O   . HOH E .  ? 0.30639 0.51903 0.18848 -0.12908 0.07775  -0.03740 301 HOH A O   
509 O O   . HOH E .  ? 0.29813 0.47896 0.37804 0.14373  0.08041  -0.03406 302 HOH A O   
510 O O   . HOH F .  ? 0.23124 0.36679 0.23359 0.10078  -0.00349 -0.05131 301 HOH B O   
511 O O   . HOH F .  ? 0.12180 0.18068 0.14295 0.02074  0.00014  0.02047  302 HOH B O   
# 
